data_2FUM
#
_entry.id   2FUM
#
_cell.length_a   116.863
_cell.length_b   116.863
_cell.length_c   260.347
_cell.angle_alpha   90.00
_cell.angle_beta   90.00
_cell.angle_gamma   90.00
#
_symmetry.space_group_name_H-M   'P 43 21 2'
#
loop_
_entity.id
_entity.type
_entity.pdbx_description
1 polymer 'Probable serine/threonine-protein kinase pknB'
2 non-polymer 1,4-DIHYDROXY-5,8-BIS({2-[(2-HYDROXYETHYL)AMINO]ETHYL}AMINO)-9,10-ANTHRACENEDIONE
#
_entity_poly.entity_id   1
_entity_poly.type   'polypeptide(L)'
_entity_poly.pdbx_seq_one_letter_code
;MGSSHHHHHHSSGLVPRGSHMTTPSHLSDRYELGEILGFGGMSEVHLARDLRLHRDVAVKVLRADLARDPSFYLRFRREA
QNAAALNHPAIVAVYDTGEAETPAGPLPYIVMEYVDGVTLRDIVHTEGPMTPKRAIEVIADACQALNFSHQNGIIHRDVK
PANIMISATNAVKVMDFGIARAIADSGNSVTQTAAVIGTAQYLSPEQARGDSVDARSDVYSLGCVLYEVLTGEPPFTGDS
PVSVAYQHVREDPIPPSARHEGLSADLDAVVLKALAKNPENRYQTAAEMRADLVRVHNG
;
_entity_poly.pdbx_strand_id   A,B,C,D
#
loop_
_chem_comp.id
_chem_comp.type
_chem_comp.name
_chem_comp.formula
MIX non-polymer 1,4-DIHYDROXY-5,8-BIS({2-[(2-HYDROXYETHYL)AMINO]ETHYL}AMINO)-9,10-ANTHRACENEDIONE 'C22 H28 N4 O6'
#
# COMPACT_ATOMS: atom_id res chain seq x y z
N THR A 23 -13.39 -9.03 26.11
CA THR A 23 -13.48 -8.25 24.83
C THR A 23 -14.50 -7.07 24.91
N PRO A 24 -14.36 -6.03 24.04
CA PRO A 24 -15.26 -4.87 24.15
C PRO A 24 -16.69 -5.12 23.63
N SER A 25 -17.56 -4.16 23.88
CA SER A 25 -18.96 -4.39 23.63
C SER A 25 -19.35 -3.89 22.27
N HIS A 26 -18.65 -2.86 21.78
CA HIS A 26 -18.92 -2.30 20.46
C HIS A 26 -17.67 -2.27 19.60
N LEU A 27 -17.75 -2.95 18.47
CA LEU A 27 -16.67 -2.87 17.49
C LEU A 27 -16.91 -1.79 16.43
N SER A 28 -15.81 -1.09 16.10
CA SER A 28 -15.81 -0.14 14.98
C SER A 28 -16.88 0.97 15.08
N ASP A 29 -17.62 1.01 16.20
CA ASP A 29 -18.75 1.92 16.27
C ASP A 29 -20.02 1.30 15.68
N ARG A 30 -19.87 0.25 14.87
CA ARG A 30 -20.99 -0.31 14.09
C ARG A 30 -21.65 -1.60 14.62
N TYR A 31 -20.85 -2.53 15.14
CA TYR A 31 -21.35 -3.82 15.57
C TYR A 31 -21.35 -3.97 17.08
N GLU A 32 -22.53 -4.11 17.66
CA GLU A 32 -22.63 -4.24 19.09
C GLU A 32 -22.75 -5.72 19.46
N LEU A 33 -21.62 -6.29 19.91
CA LEU A 33 -21.52 -7.69 20.29
C LEU A 33 -22.39 -8.07 21.48
N GLY A 34 -23.07 -9.19 21.35
CA GLY A 34 -23.89 -9.73 22.41
C GLY A 34 -23.29 -11.06 22.82
N GLU A 35 -24.13 -12.03 23.13
CA GLU A 35 -23.55 -13.24 23.63
C GLU A 35 -22.91 -14.15 22.63
N ILE A 36 -22.29 -15.16 23.18
CA ILE A 36 -21.34 -15.96 22.49
C ILE A 36 -22.08 -17.13 21.85
N LEU A 37 -22.03 -17.18 20.53
CA LEU A 37 -22.72 -18.25 19.81
C LEU A 37 -21.97 -19.57 19.83
N GLY A 38 -20.64 -19.53 19.76
CA GLY A 38 -19.80 -20.72 19.72
C GLY A 38 -18.38 -20.27 19.46
N PHE A 39 -17.44 -21.22 19.38
CA PHE A 39 -16.08 -20.84 19.02
C PHE A 39 -15.68 -21.56 17.77
N GLY A 40 -15.12 -20.81 16.81
CA GLY A 40 -14.53 -21.40 15.61
C GLY A 40 -13.02 -21.54 15.71
N GLY A 41 -12.54 -22.69 16.26
CA GLY A 41 -11.18 -22.83 16.81
C GLY A 41 -10.97 -21.68 17.79
N MET A 42 -9.76 -21.43 18.26
CA MET A 42 -9.60 -20.36 19.26
C MET A 42 -10.07 -18.91 19.05
N SER A 43 -11.25 -18.70 18.46
CA SER A 43 -11.79 -17.37 18.42
C SER A 43 -13.29 -17.42 18.75
N GLU A 44 -13.78 -16.38 19.43
CA GLU A 44 -15.16 -16.36 19.89
C GLU A 44 -16.08 -15.96 18.75
N VAL A 45 -17.19 -16.66 18.57
CA VAL A 45 -18.25 -16.15 17.66
C VAL A 45 -19.46 -15.57 18.41
N HIS A 46 -19.82 -14.32 18.10
CA HIS A 46 -20.83 -13.63 18.87
C HIS A 46 -22.08 -13.36 18.04
N LEU A 47 -23.23 -13.44 18.69
CA LEU A 47 -24.45 -12.80 18.20
C LEU A 47 -24.24 -11.31 18.36
N ALA A 48 -24.41 -10.55 17.29
CA ALA A 48 -24.36 -9.09 17.38
C ALA A 48 -25.43 -8.44 16.50
N ARG A 49 -25.54 -7.12 16.62
CA ARG A 49 -26.53 -6.31 15.93
C ARG A 49 -25.71 -5.27 15.15
N ASP A 50 -26.02 -5.16 13.84
CA ASP A 50 -25.33 -4.25 12.93
C ASP A 50 -26.16 -3.02 12.99
N LEU A 51 -25.58 -1.97 13.49
CA LEU A 51 -26.40 -0.86 13.88
C LEU A 51 -26.73 -0.01 12.68
N ARG A 52 -25.96 -0.19 11.60
CA ARG A 52 -26.21 0.58 10.39
C ARG A 52 -27.38 -0.05 9.63
N LEU A 53 -27.49 -1.37 9.69
CA LEU A 53 -28.49 -2.05 8.88
C LEU A 53 -29.68 -2.63 9.65
N HIS A 54 -29.75 -2.34 10.95
CA HIS A 54 -30.73 -2.97 11.85
C HIS A 54 -30.92 -4.43 11.54
N ARG A 55 -29.88 -5.22 11.74
CA ARG A 55 -30.03 -6.65 11.63
C ARG A 55 -29.09 -7.38 12.55
N ASP A 56 -29.54 -8.55 13.01
CA ASP A 56 -28.70 -9.43 13.78
C ASP A 56 -27.73 -10.07 12.81
N VAL A 57 -26.46 -10.06 13.20
CA VAL A 57 -25.39 -10.73 12.46
C VAL A 57 -24.48 -11.44 13.44
N ALA A 58 -23.83 -12.52 13.00
CA ALA A 58 -22.84 -13.21 13.85
C ALA A 58 -21.41 -12.83 13.44
N VAL A 59 -20.55 -12.65 14.46
CA VAL A 59 -19.21 -12.06 14.30
C VAL A 59 -18.12 -12.82 15.02
N LYS A 60 -17.01 -13.02 14.31
CA LYS A 60 -15.90 -13.86 14.79
C LYS A 60 -14.72 -12.95 15.06
N VAL A 61 -14.10 -13.13 16.21
CA VAL A 61 -13.14 -12.17 16.71
C VAL A 61 -11.90 -12.90 17.14
N LEU A 62 -10.82 -12.68 16.40
CA LEU A 62 -9.55 -13.34 16.68
C LEU A 62 -9.02 -13.07 18.12
N ARG A 63 -8.72 -14.13 18.86
CA ARG A 63 -8.51 -14.06 20.33
C ARG A 63 -7.94 -12.72 20.84
N ALA A 64 -6.93 -12.18 20.14
CA ALA A 64 -6.33 -10.90 20.51
C ALA A 64 -4.85 -11.10 20.69
N ASP A 65 -4.49 -11.95 21.64
CA ASP A 65 -3.15 -12.53 21.74
C ASP A 65 -2.86 -13.17 20.40
N LEU A 66 -3.65 -14.17 20.06
CA LEU A 66 -3.71 -14.77 18.73
C LEU A 66 -3.44 -13.79 17.59
N ALA A 67 -4.06 -12.62 17.67
CA ALA A 67 -4.01 -11.64 16.58
C ALA A 67 -2.67 -10.93 16.44
N ARG A 68 -1.79 -11.13 17.40
CA ARG A 68 -0.46 -10.57 17.24
C ARG A 68 0.46 -11.53 16.48
N ASP A 69 0.12 -12.81 16.50
CA ASP A 69 0.86 -13.77 15.73
C ASP A 69 0.40 -13.70 14.29
N PRO A 70 1.36 -13.46 13.37
CA PRO A 70 1.19 -13.43 11.92
C PRO A 70 0.41 -14.61 11.39
N SER A 71 0.98 -15.78 11.57
CA SER A 71 0.35 -17.06 11.18
C SER A 71 -1.16 -17.06 11.39
N PHE A 72 -1.61 -16.49 12.49
CA PHE A 72 -3.02 -16.48 12.74
C PHE A 72 -3.70 -15.33 12.05
N TYR A 73 -3.09 -14.14 12.12
CA TYR A 73 -3.61 -12.96 11.46
C TYR A 73 -3.94 -13.36 10.05
N LEU A 74 -2.94 -13.92 9.39
CA LEU A 74 -3.00 -14.46 8.05
C LEU A 74 -4.13 -15.45 7.86
N ARG A 75 -3.99 -16.58 8.56
CA ARG A 75 -5.01 -17.61 8.54
C ARG A 75 -6.39 -16.94 8.59
N PHE A 76 -6.59 -16.03 9.55
CA PHE A 76 -7.86 -15.38 9.82
C PHE A 76 -8.32 -14.49 8.68
N ARG A 77 -7.46 -13.59 8.24
CA ARG A 77 -7.72 -12.80 7.04
C ARG A 77 -8.12 -13.78 5.94
N ARG A 78 -7.26 -14.75 5.65
CA ARG A 78 -7.52 -15.75 4.63
C ARG A 78 -8.84 -16.46 4.83
N GLU A 79 -9.19 -16.77 6.07
CA GLU A 79 -10.50 -17.37 6.33
C GLU A 79 -11.58 -16.53 5.72
N ALA A 80 -11.72 -15.29 6.19
CA ALA A 80 -12.73 -14.38 5.65
C ALA A 80 -12.76 -14.39 4.15
N GLN A 81 -11.62 -14.19 3.52
CA GLN A 81 -11.57 -14.08 2.07
C GLN A 81 -12.00 -15.35 1.42
N ASN A 82 -11.63 -16.48 2.00
CA ASN A 82 -12.08 -17.76 1.48
C ASN A 82 -13.58 -17.88 1.58
N ALA A 83 -14.08 -17.63 2.76
CA ALA A 83 -15.49 -17.70 3.02
C ALA A 83 -16.22 -16.74 2.07
N ALA A 84 -15.95 -15.45 2.24
CA ALA A 84 -16.65 -14.43 1.48
C ALA A 84 -16.65 -14.82 0.02
N ALA A 85 -15.50 -15.30 -0.46
CA ALA A 85 -15.36 -15.58 -1.87
C ALA A 85 -16.23 -16.75 -2.36
N LEU A 86 -17.08 -17.32 -1.49
CA LEU A 86 -18.15 -18.16 -2.03
C LEU A 86 -19.53 -17.88 -1.46
N ASN A 87 -20.51 -17.85 -2.35
CA ASN A 87 -21.86 -17.54 -1.90
C ASN A 87 -22.97 -18.45 -2.43
N HIS A 88 -23.68 -19.04 -1.47
CA HIS A 88 -24.59 -20.17 -1.65
C HIS A 88 -25.48 -20.26 -0.42
N PRO A 89 -26.76 -20.59 -0.64
CA PRO A 89 -27.70 -20.55 0.47
C PRO A 89 -27.50 -21.61 1.52
N ALA A 90 -26.65 -22.59 1.26
CA ALA A 90 -26.44 -23.65 2.23
C ALA A 90 -25.05 -23.50 2.85
N ILE A 91 -24.45 -22.36 2.57
CA ILE A 91 -23.19 -22.05 3.16
C ILE A 91 -23.42 -20.72 3.81
N VAL A 92 -22.89 -20.53 5.02
CA VAL A 92 -23.00 -19.23 5.73
C VAL A 92 -22.41 -18.08 4.89
N ALA A 93 -23.03 -16.91 4.92
CA ALA A 93 -22.45 -15.83 4.15
C ALA A 93 -21.49 -15.01 4.99
N VAL A 94 -20.52 -14.37 4.33
CA VAL A 94 -19.78 -13.30 4.99
C VAL A 94 -20.24 -11.97 4.44
N TYR A 95 -20.61 -11.11 5.36
CA TYR A 95 -21.00 -9.77 4.98
C TYR A 95 -19.89 -8.73 5.15
N ASP A 96 -18.77 -9.08 5.81
CA ASP A 96 -17.78 -8.07 6.17
C ASP A 96 -16.68 -8.57 7.09
N THR A 97 -15.50 -7.98 6.98
CA THR A 97 -14.40 -8.20 7.91
C THR A 97 -13.72 -6.87 8.15
N GLY A 98 -13.26 -6.63 9.36
CA GLY A 98 -12.39 -5.46 9.60
C GLY A 98 -11.38 -5.77 10.67
N GLU A 99 -10.76 -4.73 11.23
CA GLU A 99 -10.08 -4.86 12.52
C GLU A 99 -10.32 -3.66 13.42
N ALA A 100 -10.97 -3.90 14.57
CA ALA A 100 -11.23 -2.89 15.60
C ALA A 100 -9.93 -2.56 16.37
N GLU A 101 -9.67 -1.28 16.62
CA GLU A 101 -8.50 -0.86 17.39
C GLU A 101 -8.94 -0.47 18.80
N THR A 102 -8.93 -1.45 19.70
CA THR A 102 -9.46 -1.38 21.05
C THR A 102 -8.34 -1.09 22.06
N PRO A 103 -8.69 -0.95 23.37
CA PRO A 103 -7.73 -0.68 24.42
C PRO A 103 -6.88 -1.93 24.61
N ALA A 104 -7.54 -3.06 24.40
CA ALA A 104 -6.87 -4.32 24.29
C ALA A 104 -6.41 -4.54 22.83
N GLY A 105 -5.85 -3.50 22.20
CA GLY A 105 -5.17 -3.63 20.89
C GLY A 105 -6.08 -3.85 19.70
N PRO A 106 -5.49 -4.29 18.55
CA PRO A 106 -6.18 -4.47 17.28
C PRO A 106 -6.84 -5.80 17.36
N LEU A 107 -8.04 -5.94 16.81
CA LEU A 107 -8.74 -7.21 16.84
C LEU A 107 -9.43 -7.49 15.52
N PRO A 108 -8.82 -8.27 14.60
CA PRO A 108 -9.58 -8.56 13.38
C PRO A 108 -10.84 -9.38 13.64
N TYR A 109 -11.89 -9.08 12.86
CA TYR A 109 -13.17 -9.75 12.97
C TYR A 109 -13.79 -10.02 11.60
N ILE A 110 -14.77 -10.92 11.59
CA ILE A 110 -15.50 -11.29 10.36
C ILE A 110 -17.01 -11.26 10.67
N VAL A 111 -17.75 -10.48 9.88
CA VAL A 111 -19.20 -10.38 10.01
C VAL A 111 -19.94 -11.32 9.06
N MET A 112 -20.67 -12.23 9.66
CA MET A 112 -21.30 -13.30 8.91
C MET A 112 -22.80 -13.33 9.02
N GLU A 113 -23.46 -13.96 8.04
CA GLU A 113 -24.90 -14.15 8.12
C GLU A 113 -25.19 -14.85 9.41
N TYR A 114 -26.22 -14.39 10.12
CA TYR A 114 -26.57 -15.00 11.39
C TYR A 114 -27.42 -16.22 11.09
N VAL A 115 -27.25 -17.30 11.86
CA VAL A 115 -28.17 -18.45 11.79
C VAL A 115 -28.84 -18.76 13.11
N ASP A 116 -30.09 -18.34 13.17
CA ASP A 116 -30.91 -18.67 14.29
C ASP A 116 -31.26 -20.14 14.16
N GLY A 117 -30.53 -21.00 14.87
CA GLY A 117 -30.85 -22.42 14.84
C GLY A 117 -30.04 -23.28 15.77
N VAL A 118 -29.91 -24.55 15.41
CA VAL A 118 -29.17 -25.52 16.20
C VAL A 118 -28.23 -26.32 15.30
N THR A 119 -27.25 -27.01 15.88
CA THR A 119 -26.32 -27.78 15.07
C THR A 119 -26.79 -29.19 15.05
N LEU A 120 -26.45 -29.87 13.98
CA LEU A 120 -26.59 -31.29 13.92
C LEU A 120 -26.13 -31.98 15.20
N ARG A 121 -25.00 -31.52 15.76
CA ARG A 121 -24.53 -32.04 17.04
C ARG A 121 -25.71 -31.98 17.98
N ASP A 122 -26.19 -30.77 18.21
CA ASP A 122 -27.16 -30.52 19.25
C ASP A 122 -28.37 -31.37 18.95
N ILE A 123 -28.82 -31.33 17.70
CA ILE A 123 -30.03 -32.02 17.31
C ILE A 123 -29.91 -33.53 17.57
N VAL A 124 -28.77 -34.14 17.23
CA VAL A 124 -28.62 -35.58 17.50
C VAL A 124 -28.56 -35.84 18.98
N HIS A 125 -27.90 -34.96 19.71
CA HIS A 125 -27.80 -35.14 21.12
C HIS A 125 -29.17 -35.04 21.82
N THR A 126 -30.10 -34.22 21.34
CA THR A 126 -31.41 -34.11 22.02
C THR A 126 -32.55 -34.95 21.43
N GLU A 127 -32.54 -35.14 20.13
CA GLU A 127 -33.57 -35.95 19.50
C GLU A 127 -33.21 -37.41 19.57
N GLY A 128 -31.93 -37.70 19.45
CA GLY A 128 -31.48 -39.06 19.17
C GLY A 128 -31.25 -39.03 17.68
N PRO A 129 -31.29 -40.19 17.02
CA PRO A 129 -31.08 -40.15 15.57
C PRO A 129 -32.28 -39.47 14.96
N MET A 130 -32.16 -39.07 13.70
CA MET A 130 -33.32 -38.57 13.00
C MET A 130 -33.77 -39.63 12.03
N THR A 131 -35.05 -39.59 11.72
CA THR A 131 -35.59 -40.38 10.66
C THR A 131 -34.63 -40.38 9.47
N PRO A 132 -34.46 -41.54 8.83
CA PRO A 132 -33.75 -41.68 7.57
C PRO A 132 -34.21 -40.63 6.56
N LYS A 133 -35.50 -40.59 6.25
CA LYS A 133 -36.04 -39.58 5.34
C LYS A 133 -35.40 -38.22 5.62
N ARG A 134 -35.53 -37.75 6.87
CA ARG A 134 -35.06 -36.42 7.27
C ARG A 134 -33.57 -36.35 7.01
N ALA A 135 -32.87 -37.32 7.57
CA ALA A 135 -31.43 -37.48 7.48
C ALA A 135 -30.86 -37.37 6.06
N ILE A 136 -31.50 -38.05 5.11
CA ILE A 136 -31.11 -38.05 3.70
C ILE A 136 -31.10 -36.62 3.14
N GLU A 137 -32.24 -35.93 3.23
CA GLU A 137 -32.35 -34.58 2.67
C GLU A 137 -31.36 -33.67 3.33
N VAL A 138 -31.24 -33.80 4.65
CA VAL A 138 -30.36 -32.90 5.37
C VAL A 138 -28.94 -32.99 4.82
N ILE A 139 -28.43 -34.20 4.65
CA ILE A 139 -27.08 -34.38 4.07
C ILE A 139 -27.05 -34.01 2.61
N ALA A 140 -28.05 -34.52 1.88
CA ALA A 140 -28.20 -34.19 0.47
C ALA A 140 -27.83 -32.74 0.29
N ASP A 141 -28.44 -31.88 1.10
CA ASP A 141 -28.19 -30.44 1.08
C ASP A 141 -26.74 -30.13 1.37
N ALA A 142 -26.21 -30.71 2.43
CA ALA A 142 -24.83 -30.52 2.76
C ALA A 142 -23.93 -30.75 1.56
N CYS A 143 -24.24 -31.77 0.76
CA CYS A 143 -23.44 -32.08 -0.42
C CYS A 143 -23.35 -30.97 -1.45
N GLN A 144 -24.49 -30.40 -1.78
CA GLN A 144 -24.51 -29.25 -2.69
C GLN A 144 -23.56 -28.17 -2.16
N ALA A 145 -23.77 -27.80 -0.90
CA ALA A 145 -22.94 -26.81 -0.22
C ALA A 145 -21.49 -27.16 -0.47
N LEU A 146 -21.11 -28.37 -0.08
CA LEU A 146 -19.73 -28.78 -0.20
C LEU A 146 -19.27 -28.89 -1.61
N ASN A 147 -20.15 -29.30 -2.51
CA ASN A 147 -19.72 -29.40 -3.88
C ASN A 147 -19.41 -28.00 -4.40
N PHE A 148 -20.36 -27.08 -4.26
CA PHE A 148 -20.16 -25.67 -4.57
C PHE A 148 -18.79 -25.21 -4.08
N SER A 149 -18.49 -25.49 -2.82
CA SER A 149 -17.20 -25.12 -2.32
C SER A 149 -16.09 -25.73 -3.17
N HIS A 150 -16.09 -27.06 -3.34
CA HIS A 150 -15.08 -27.67 -4.17
C HIS A 150 -15.09 -27.02 -5.49
N GLN A 151 -16.26 -26.89 -6.09
CA GLN A 151 -16.39 -26.28 -7.40
C GLN A 151 -15.58 -25.00 -7.43
N ASN A 152 -15.50 -24.34 -6.29
CA ASN A 152 -14.83 -23.08 -6.24
C ASN A 152 -13.43 -23.17 -5.69
N GLY A 153 -12.91 -24.38 -5.55
CA GLY A 153 -11.48 -24.55 -5.24
C GLY A 153 -11.23 -24.49 -3.76
N ILE A 154 -12.31 -24.60 -3.00
CA ILE A 154 -12.23 -24.66 -1.55
C ILE A 154 -12.55 -26.06 -1.00
N ILE A 155 -11.62 -26.62 -0.23
CA ILE A 155 -11.87 -27.81 0.56
C ILE A 155 -12.05 -27.31 2.00
N HIS A 156 -13.08 -27.84 2.68
CA HIS A 156 -13.54 -27.39 4.01
C HIS A 156 -12.68 -27.98 5.12
N ARG A 157 -12.36 -29.26 4.94
CA ARG A 157 -11.46 -30.00 5.80
C ARG A 157 -11.98 -30.23 7.19
N ASP A 158 -13.23 -29.88 7.48
CA ASP A 158 -13.65 -29.85 8.88
C ASP A 158 -15.12 -30.16 9.09
N VAL A 159 -15.59 -31.11 8.31
CA VAL A 159 -16.99 -31.41 8.33
C VAL A 159 -17.32 -32.23 9.57
N LYS A 160 -18.22 -31.73 10.41
CA LYS A 160 -18.76 -32.57 11.47
C LYS A 160 -19.98 -31.92 12.05
N PRO A 161 -20.83 -32.71 12.71
CA PRO A 161 -22.17 -32.33 13.17
C PRO A 161 -22.25 -30.93 13.76
N ALA A 162 -21.20 -30.54 14.48
CA ALA A 162 -21.12 -29.23 15.10
C ALA A 162 -20.91 -28.09 14.09
N ASN A 163 -20.66 -28.42 12.83
CA ASN A 163 -20.44 -27.39 11.81
C ASN A 163 -21.52 -27.34 10.75
N ILE A 164 -22.54 -28.16 10.90
CA ILE A 164 -23.69 -28.03 10.07
C ILE A 164 -24.89 -27.68 10.91
N MET A 165 -25.69 -26.75 10.40
CA MET A 165 -26.83 -26.19 11.13
C MET A 165 -28.18 -26.34 10.43
N ILE A 166 -29.24 -26.38 11.24
CA ILE A 166 -30.58 -26.26 10.71
C ILE A 166 -31.17 -24.96 11.19
N SER A 167 -31.47 -24.09 10.24
CA SER A 167 -32.10 -22.83 10.52
C SER A 167 -33.46 -23.08 11.16
N ALA A 168 -33.98 -22.08 11.86
CA ALA A 168 -35.36 -22.07 12.33
C ALA A 168 -36.30 -22.31 11.14
N THR A 169 -36.05 -21.64 10.02
CA THR A 169 -36.80 -21.92 8.79
C THR A 169 -36.39 -23.26 8.14
N ASN A 170 -35.77 -24.15 8.92
CA ASN A 170 -35.36 -25.45 8.42
C ASN A 170 -34.42 -25.52 7.21
N ALA A 171 -33.52 -24.54 7.07
CA ALA A 171 -32.47 -24.55 6.03
C ALA A 171 -31.28 -25.32 6.53
N VAL A 172 -30.43 -25.72 5.60
CA VAL A 172 -29.14 -26.28 5.99
C VAL A 172 -28.09 -25.17 5.80
N LYS A 173 -27.31 -24.91 6.84
CA LYS A 173 -26.17 -23.99 6.71
C LYS A 173 -24.86 -24.65 7.21
N VAL A 174 -23.99 -24.96 6.25
CA VAL A 174 -22.63 -25.45 6.51
C VAL A 174 -21.77 -24.27 6.95
N MET A 175 -20.92 -24.47 7.95
CA MET A 175 -20.11 -23.35 8.40
C MET A 175 -18.73 -23.69 8.93
N ASP A 176 -18.03 -22.65 9.40
CA ASP A 176 -16.68 -22.81 9.98
C ASP A 176 -15.65 -23.16 8.92
N PHE A 177 -15.50 -22.24 7.97
CA PHE A 177 -14.43 -22.39 7.00
C PHE A 177 -13.09 -22.02 7.69
N GLY A 178 -13.00 -22.45 8.96
CA GLY A 178 -11.91 -22.11 9.84
C GLY A 178 -10.59 -22.60 9.29
N ILE A 179 -10.57 -23.86 8.83
CA ILE A 179 -9.34 -24.46 8.26
C ILE A 179 -9.37 -24.81 6.76
N ALA A 180 -10.52 -24.52 6.12
CA ALA A 180 -10.70 -24.67 4.67
C ALA A 180 -9.52 -24.10 3.89
N ARG A 181 -8.96 -24.86 2.96
CA ARG A 181 -7.83 -24.38 2.17
C ARG A 181 -8.27 -24.23 0.73
N ALA A 182 -7.89 -23.10 0.14
CA ALA A 182 -8.02 -22.85 -1.28
C ALA A 182 -7.06 -23.77 -2.03
N ILE A 183 -6.86 -23.58 -3.31
CA ILE A 183 -5.72 -24.21 -3.94
C ILE A 183 -4.66 -23.12 -4.18
N ALA A 184 -4.76 -22.05 -3.38
CA ALA A 184 -3.79 -20.94 -3.29
C ALA A 184 -2.37 -21.41 -2.94
N ASP A 185 -2.20 -22.04 -1.77
CA ASP A 185 -0.97 -22.81 -1.36
C ASP A 185 0.36 -22.05 -1.39
N GLY A 198 -7.63 -31.29 19.37
CA GLY A 198 -8.91 -31.21 18.64
C GLY A 198 -9.46 -32.62 18.40
N THR A 199 -10.56 -32.98 19.09
CA THR A 199 -11.66 -33.88 18.61
C THR A 199 -11.77 -35.44 18.52
N ALA A 200 -11.07 -36.00 17.51
CA ALA A 200 -11.15 -37.41 17.00
C ALA A 200 -12.04 -37.80 15.76
N GLN A 201 -13.37 -37.92 15.91
CA GLN A 201 -14.02 -38.92 15.03
C GLN A 201 -14.53 -38.59 13.68
N TYR A 202 -14.29 -37.39 13.18
CA TYR A 202 -14.84 -37.08 11.84
C TYR A 202 -13.78 -36.86 10.82
N LEU A 203 -12.55 -37.20 11.23
CA LEU A 203 -11.35 -37.13 10.41
C LEU A 203 -11.28 -38.11 9.23
N SER A 204 -10.71 -37.67 8.12
CA SER A 204 -10.46 -38.60 7.02
C SER A 204 -9.18 -39.37 7.31
N PRO A 205 -9.07 -40.61 6.78
CA PRO A 205 -7.83 -41.37 6.99
C PRO A 205 -6.58 -40.60 6.55
N GLU A 206 -6.65 -39.89 5.43
CA GLU A 206 -5.48 -39.17 4.94
C GLU A 206 -5.12 -38.01 5.88
N GLN A 207 -6.14 -37.42 6.52
CA GLN A 207 -5.92 -36.40 7.54
C GLN A 207 -5.23 -37.13 8.63
N ALA A 208 -5.72 -38.31 8.97
CA ALA A 208 -5.14 -39.09 10.06
C ALA A 208 -3.66 -39.32 9.84
N ARG A 209 -3.28 -40.08 8.81
CA ARG A 209 -1.87 -40.25 8.45
C ARG A 209 -1.14 -38.93 8.20
N GLY A 210 -1.87 -37.88 7.84
CA GLY A 210 -1.30 -36.55 7.69
C GLY A 210 -0.78 -36.28 6.29
N ASP A 211 -1.63 -36.44 5.27
CA ASP A 211 -1.24 -36.22 3.88
C ASP A 211 -2.14 -35.18 3.26
N SER A 212 -1.77 -34.72 2.06
CA SER A 212 -2.67 -33.89 1.24
C SER A 212 -4.10 -34.41 1.33
N VAL A 213 -5.02 -33.47 1.49
CA VAL A 213 -6.43 -33.81 1.51
C VAL A 213 -7.16 -33.16 0.32
N ASP A 214 -8.33 -33.68 -0.04
CA ASP A 214 -9.09 -33.09 -1.12
C ASP A 214 -10.57 -33.32 -0.98
N ALA A 215 -11.32 -32.94 -2.01
CA ALA A 215 -12.77 -33.10 -2.04
C ALA A 215 -13.20 -34.41 -1.39
N ARG A 216 -12.46 -35.49 -1.69
CA ARG A 216 -12.81 -36.81 -1.21
C ARG A 216 -12.81 -36.86 0.31
N SER A 217 -11.81 -36.21 0.90
CA SER A 217 -11.65 -36.19 2.35
C SER A 217 -12.86 -35.57 2.96
N ASP A 218 -13.40 -34.56 2.31
CA ASP A 218 -14.61 -33.95 2.78
C ASP A 218 -15.80 -34.91 2.68
N VAL A 219 -15.85 -35.66 1.57
CA VAL A 219 -16.87 -36.66 1.33
C VAL A 219 -16.90 -37.66 2.49
N TYR A 220 -15.72 -38.12 2.87
CA TYR A 220 -15.58 -39.06 3.94
C TYR A 220 -16.09 -38.48 5.27
N SER A 221 -15.62 -37.27 5.59
CA SER A 221 -16.01 -36.58 6.80
C SER A 221 -17.52 -36.53 6.87
N LEU A 222 -18.09 -36.17 5.73
CA LEU A 222 -19.52 -36.08 5.53
C LEU A 222 -20.23 -37.42 5.79
N GLY A 223 -19.69 -38.48 5.19
CA GLY A 223 -20.12 -39.84 5.50
C GLY A 223 -20.27 -40.02 7.01
N CYS A 224 -19.16 -39.81 7.74
CA CYS A 224 -19.20 -39.87 9.20
C CYS A 224 -20.43 -39.18 9.72
N VAL A 225 -20.66 -37.95 9.28
CA VAL A 225 -21.79 -37.19 9.78
C VAL A 225 -23.12 -37.91 9.46
N LEU A 226 -23.25 -38.36 8.24
CA LEU A 226 -24.40 -39.19 7.89
C LEU A 226 -24.58 -40.39 8.85
N TYR A 227 -23.48 -41.11 9.12
CA TYR A 227 -23.52 -42.28 10.00
C TYR A 227 -24.11 -41.79 11.30
N GLU A 228 -23.52 -40.71 11.82
CA GLU A 228 -23.86 -40.17 13.13
C GLU A 228 -25.36 -39.96 13.25
N VAL A 229 -25.93 -39.35 12.22
CA VAL A 229 -27.31 -38.89 12.25
C VAL A 229 -28.31 -40.02 12.07
N LEU A 230 -27.87 -41.05 11.36
CA LEU A 230 -28.74 -42.16 11.07
C LEU A 230 -28.83 -43.14 12.21
N THR A 231 -27.71 -43.28 12.93
CA THR A 231 -27.59 -44.30 14.00
C THR A 231 -27.56 -43.71 15.39
N GLY A 232 -27.48 -42.40 15.50
CA GLY A 232 -27.39 -41.74 16.80
C GLY A 232 -25.96 -41.81 17.27
N GLU A 233 -25.12 -42.47 16.48
CA GLU A 233 -23.78 -42.90 16.87
C GLU A 233 -22.69 -42.59 15.82
N PRO A 234 -21.47 -42.19 16.26
CA PRO A 234 -20.47 -42.02 15.21
C PRO A 234 -19.88 -43.36 14.85
N PRO A 235 -19.21 -43.42 13.72
CA PRO A 235 -18.64 -44.66 13.21
C PRO A 235 -17.69 -45.28 14.26
N PHE A 236 -16.78 -44.46 14.77
CA PHE A 236 -15.70 -44.92 15.66
C PHE A 236 -15.62 -44.09 16.93
N THR A 237 -15.24 -44.71 18.06
CA THR A 237 -14.98 -43.94 19.27
C THR A 237 -13.95 -44.58 20.17
N GLY A 238 -13.20 -43.73 20.88
CA GLY A 238 -12.04 -44.15 21.64
C GLY A 238 -11.77 -43.40 22.95
N ASP A 239 -10.62 -43.66 23.58
CA ASP A 239 -10.26 -43.04 24.85
C ASP A 239 -9.60 -41.69 24.61
N SER A 240 -9.26 -41.43 23.35
CA SER A 240 -8.51 -40.24 22.93
C SER A 240 -8.47 -40.14 21.41
N PRO A 241 -8.24 -38.94 20.87
CA PRO A 241 -8.03 -38.83 19.45
C PRO A 241 -7.27 -39.99 18.80
N VAL A 242 -6.16 -40.45 19.38
CA VAL A 242 -5.31 -41.38 18.65
C VAL A 242 -5.93 -42.72 18.39
N SER A 243 -6.69 -43.24 19.33
CA SER A 243 -7.32 -44.56 19.11
C SER A 243 -8.46 -44.49 18.12
N VAL A 244 -9.00 -43.31 17.93
CA VAL A 244 -10.03 -43.16 16.93
C VAL A 244 -9.38 -43.00 15.57
N ALA A 245 -8.27 -42.27 15.55
CA ALA A 245 -7.50 -42.09 14.35
C ALA A 245 -7.14 -43.44 13.75
N TYR A 246 -6.67 -44.36 14.59
CA TYR A 246 -6.34 -45.71 14.13
C TYR A 246 -7.58 -46.43 13.65
N GLN A 247 -8.69 -46.27 14.37
CA GLN A 247 -9.91 -46.90 13.97
C GLN A 247 -10.25 -46.44 12.56
N HIS A 248 -10.18 -45.14 12.28
CA HIS A 248 -10.43 -44.62 10.92
C HIS A 248 -9.57 -45.37 9.90
N VAL A 249 -8.27 -45.43 10.17
CA VAL A 249 -7.34 -46.08 9.27
C VAL A 249 -7.55 -47.61 9.17
N ARG A 250 -7.85 -48.27 10.28
CA ARG A 250 -7.80 -49.73 10.34
C ARG A 250 -9.13 -50.48 10.25
N GLU A 251 -10.10 -50.12 11.10
CA GLU A 251 -11.38 -50.83 11.18
C GLU A 251 -12.34 -50.62 10.01
N ASP A 252 -13.09 -51.66 9.67
CA ASP A 252 -14.27 -51.46 8.85
C ASP A 252 -15.29 -50.82 9.76
N PRO A 253 -16.19 -50.06 9.18
CA PRO A 253 -17.22 -49.54 10.03
C PRO A 253 -18.28 -50.59 10.21
N ILE A 254 -18.89 -50.60 11.40
CA ILE A 254 -20.10 -51.38 11.59
C ILE A 254 -21.13 -50.85 10.57
N PRO A 255 -21.65 -51.72 9.68
CA PRO A 255 -22.83 -51.34 8.90
C PRO A 255 -23.93 -50.76 9.78
N PRO A 256 -24.39 -49.56 9.44
CA PRO A 256 -25.41 -48.79 10.16
C PRO A 256 -26.61 -49.63 10.59
N SER A 257 -27.14 -50.43 9.65
CA SER A 257 -28.24 -51.35 9.90
C SER A 257 -28.03 -52.18 11.15
N ALA A 258 -26.77 -52.52 11.42
CA ALA A 258 -26.38 -53.27 12.61
C ALA A 258 -26.49 -52.42 13.88
N ARG A 259 -26.18 -51.13 13.73
CA ARG A 259 -26.21 -50.23 14.86
C ARG A 259 -27.62 -49.76 15.23
N HIS A 260 -28.58 -49.98 14.33
CA HIS A 260 -29.89 -49.36 14.44
C HIS A 260 -30.83 -49.83 13.34
N GLU A 261 -31.86 -50.55 13.76
CA GLU A 261 -32.90 -51.11 12.87
C GLU A 261 -33.48 -50.02 11.93
N GLY A 262 -34.40 -50.44 11.06
CA GLY A 262 -35.09 -49.50 10.17
C GLY A 262 -34.15 -48.64 9.35
N LEU A 263 -33.03 -49.24 8.96
CA LEU A 263 -32.09 -48.64 8.05
C LEU A 263 -31.90 -49.55 6.84
N SER A 264 -32.24 -49.01 5.68
CA SER A 264 -32.29 -49.79 4.44
C SER A 264 -30.91 -50.31 4.03
N ALA A 265 -30.89 -51.55 3.54
CA ALA A 265 -29.70 -52.18 2.98
C ALA A 265 -29.06 -51.32 1.88
N ASP A 266 -29.92 -50.68 1.07
CA ASP A 266 -29.50 -49.77 -0.02
C ASP A 266 -28.72 -48.61 0.54
N LEU A 267 -29.20 -48.09 1.67
CA LEU A 267 -28.60 -46.95 2.33
C LEU A 267 -27.31 -47.32 3.02
N ASP A 268 -27.28 -48.50 3.64
CA ASP A 268 -26.06 -49.06 4.18
C ASP A 268 -24.92 -48.80 3.18
N ALA A 269 -25.00 -49.45 2.01
CA ALA A 269 -23.90 -49.41 1.03
C ALA A 269 -23.53 -47.99 0.60
N VAL A 270 -24.48 -47.06 0.73
CA VAL A 270 -24.24 -45.63 0.48
C VAL A 270 -23.26 -45.04 1.49
N VAL A 271 -23.64 -45.08 2.76
CA VAL A 271 -22.80 -44.65 3.86
C VAL A 271 -21.39 -45.22 3.74
N LEU A 272 -21.31 -46.55 3.62
CA LEU A 272 -20.04 -47.28 3.55
C LEU A 272 -19.18 -46.91 2.33
N LYS A 273 -19.79 -46.51 1.21
CA LYS A 273 -18.97 -46.01 0.09
C LYS A 273 -18.27 -44.69 0.45
N ALA A 274 -18.97 -43.78 1.11
CA ALA A 274 -18.38 -42.50 1.47
C ALA A 274 -17.21 -42.74 2.36
N LEU A 275 -17.29 -43.88 3.08
CA LEU A 275 -16.38 -44.21 4.16
C LEU A 275 -15.34 -45.19 3.69
N ALA A 276 -15.32 -45.42 2.37
CA ALA A 276 -14.31 -46.29 1.79
C ALA A 276 -12.97 -45.80 2.28
N LYS A 277 -12.14 -46.74 2.70
CA LYS A 277 -10.86 -46.39 3.25
C LYS A 277 -10.02 -45.66 2.21
N ASN A 278 -10.00 -46.17 0.98
CA ASN A 278 -9.25 -45.49 -0.05
C ASN A 278 -10.09 -44.41 -0.74
N PRO A 279 -9.52 -43.21 -0.88
CA PRO A 279 -10.21 -42.16 -1.61
C PRO A 279 -10.75 -42.71 -2.91
N GLU A 280 -9.90 -43.44 -3.64
CA GLU A 280 -10.30 -44.05 -4.90
C GLU A 280 -11.64 -44.72 -4.84
N ASN A 281 -11.89 -45.48 -3.78
CA ASN A 281 -13.13 -46.23 -3.68
C ASN A 281 -14.27 -45.41 -3.14
N ARG A 282 -13.97 -44.20 -2.67
CA ARG A 282 -15.05 -43.28 -2.27
C ARG A 282 -15.71 -42.62 -3.47
N TYR A 283 -16.81 -41.93 -3.21
CA TYR A 283 -17.37 -41.02 -4.20
C TYR A 283 -16.28 -40.04 -4.55
N GLN A 284 -16.18 -39.69 -5.80
CA GLN A 284 -15.14 -38.76 -6.18
C GLN A 284 -15.54 -37.28 -6.00
N THR A 285 -16.83 -37.00 -6.00
CA THR A 285 -17.32 -35.73 -5.48
C THR A 285 -18.65 -35.79 -4.79
N ALA A 286 -18.86 -34.73 -4.00
CA ALA A 286 -20.09 -34.49 -3.25
C ALA A 286 -21.34 -34.68 -4.12
N ALA A 287 -21.21 -34.29 -5.38
CA ALA A 287 -22.28 -34.41 -6.32
C ALA A 287 -22.65 -35.87 -6.54
N GLU A 288 -21.63 -36.72 -6.67
CA GLU A 288 -21.83 -38.14 -6.93
C GLU A 288 -22.58 -38.75 -5.77
N MET A 289 -22.10 -38.44 -4.56
CA MET A 289 -22.68 -38.89 -3.29
C MET A 289 -24.15 -38.50 -3.21
N ARG A 290 -24.38 -37.20 -3.34
CA ARG A 290 -25.72 -36.67 -3.31
C ARG A 290 -26.61 -37.46 -4.26
N ALA A 291 -26.20 -37.53 -5.54
CA ALA A 291 -26.91 -38.36 -6.51
C ALA A 291 -27.45 -39.67 -5.90
N ASP A 292 -26.54 -40.48 -5.34
CA ASP A 292 -26.90 -41.79 -4.76
C ASP A 292 -27.91 -41.70 -3.63
N LEU A 293 -27.70 -40.74 -2.74
CA LEU A 293 -28.65 -40.42 -1.69
C LEU A 293 -30.06 -40.16 -2.21
N VAL A 294 -30.13 -39.29 -3.23
CA VAL A 294 -31.39 -38.89 -3.82
C VAL A 294 -31.99 -40.11 -4.50
N ARG A 295 -31.14 -41.01 -4.95
CA ARG A 295 -31.62 -42.22 -5.59
C ARG A 295 -32.28 -43.19 -4.62
N VAL A 296 -31.95 -43.12 -3.33
CA VAL A 296 -32.60 -44.03 -2.36
C VAL A 296 -33.83 -43.44 -1.64
N HIS A 297 -33.80 -42.12 -1.38
CA HIS A 297 -34.98 -41.38 -0.96
C HIS A 297 -35.99 -41.33 -2.12
N THR B 23 -18.72 11.12 -10.07
CA THR B 23 -18.56 9.96 -9.13
C THR B 23 -17.07 9.71 -8.86
N PRO B 24 -16.69 9.45 -7.58
CA PRO B 24 -15.30 9.08 -7.24
C PRO B 24 -14.97 7.64 -7.69
N SER B 25 -13.70 7.22 -7.60
CA SER B 25 -13.28 5.93 -8.13
C SER B 25 -13.26 4.87 -7.08
N HIS B 26 -12.88 5.29 -5.88
CA HIS B 26 -12.75 4.41 -4.71
C HIS B 26 -13.54 4.92 -3.49
N LEU B 27 -14.44 4.07 -3.00
CA LEU B 27 -15.27 4.35 -1.82
C LEU B 27 -14.59 3.91 -0.55
N SER B 28 -14.58 4.79 0.45
CA SER B 28 -14.12 4.41 1.80
C SER B 28 -12.74 3.77 1.84
N ASP B 29 -12.01 3.85 0.71
CA ASP B 29 -10.76 3.14 0.51
C ASP B 29 -10.94 1.62 0.31
N ARG B 30 -12.17 1.12 0.41
CA ARG B 30 -12.40 -0.31 0.22
C ARG B 30 -13.03 -0.76 -1.14
N TYR B 31 -14.00 -0.03 -1.64
CA TYR B 31 -14.71 -0.48 -2.82
C TYR B 31 -14.29 0.32 -4.02
N GLU B 32 -13.73 -0.38 -5.00
CA GLU B 32 -13.33 0.23 -6.24
C GLU B 32 -14.42 0.14 -7.29
N LEU B 33 -15.18 1.23 -7.42
CA LEU B 33 -16.25 1.32 -8.41
C LEU B 33 -15.75 1.08 -9.80
N GLY B 34 -16.54 0.32 -10.54
CA GLY B 34 -16.35 0.25 -11.97
C GLY B 34 -17.61 0.69 -12.67
N GLU B 35 -17.95 -0.09 -13.68
CA GLU B 35 -19.07 0.08 -14.59
C GLU B 35 -20.45 0.31 -13.95
N ILE B 36 -21.31 1.06 -14.64
CA ILE B 36 -22.68 1.29 -14.16
C ILE B 36 -23.57 0.10 -14.53
N LEU B 37 -24.16 -0.52 -13.52
CA LEU B 37 -24.99 -1.69 -13.77
C LEU B 37 -26.40 -1.32 -14.19
N GLY B 38 -26.97 -0.31 -13.55
CA GLY B 38 -28.31 0.22 -13.87
C GLY B 38 -28.58 1.33 -12.87
N PHE B 39 -29.81 1.87 -12.85
CA PHE B 39 -30.18 2.87 -11.83
C PHE B 39 -31.39 2.41 -11.03
N GLY B 40 -31.25 2.39 -9.69
CA GLY B 40 -32.38 2.11 -8.77
C GLY B 40 -33.10 3.39 -8.28
N GLY B 41 -34.06 3.86 -9.09
CA GLY B 41 -34.57 5.23 -8.98
C GLY B 41 -33.36 6.14 -9.01
N MET B 42 -33.58 7.44 -8.80
CA MET B 42 -32.56 8.44 -8.37
C MET B 42 -31.01 8.13 -8.02
N SER B 43 -30.52 6.87 -8.01
CA SER B 43 -29.09 6.64 -7.72
C SER B 43 -28.42 5.62 -8.67
N GLU B 44 -27.11 5.72 -8.83
CA GLU B 44 -26.35 4.85 -9.73
C GLU B 44 -26.03 3.52 -9.08
N VAL B 45 -26.25 2.42 -9.76
CA VAL B 45 -25.70 1.13 -9.26
C VAL B 45 -24.46 0.75 -10.05
N HIS B 46 -23.36 0.49 -9.36
CA HIS B 46 -22.14 0.11 -10.02
C HIS B 46 -21.66 -1.29 -9.72
N LEU B 47 -21.01 -1.93 -10.68
CA LEU B 47 -20.17 -3.07 -10.39
C LEU B 47 -18.93 -2.54 -9.76
N ALA B 48 -18.55 -3.11 -8.63
CA ALA B 48 -17.31 -2.72 -7.98
C ALA B 48 -16.64 -3.95 -7.45
N ARG B 49 -15.47 -3.75 -6.84
CA ARG B 49 -14.68 -4.84 -6.31
C ARG B 49 -14.31 -4.46 -4.87
N ASP B 50 -14.55 -5.40 -3.96
CA ASP B 50 -14.31 -5.22 -2.54
C ASP B 50 -12.90 -5.65 -2.33
N LEU B 51 -12.03 -4.72 -2.00
CA LEU B 51 -10.63 -5.03 -2.03
C LEU B 51 -10.23 -5.75 -0.78
N ARG B 52 -11.10 -5.77 0.22
CA ARG B 52 -10.78 -6.51 1.41
C ARG B 52 -11.07 -7.97 1.23
N LEU B 53 -12.14 -8.31 0.51
CA LEU B 53 -12.54 -9.69 0.46
C LEU B 53 -12.31 -10.35 -0.89
N HIS B 54 -11.64 -9.61 -1.78
CA HIS B 54 -11.50 -9.98 -3.17
C HIS B 54 -12.80 -10.59 -3.73
N ARG B 55 -13.83 -9.75 -3.87
CA ARG B 55 -15.02 -10.18 -4.57
C ARG B 55 -15.66 -9.04 -5.31
N ASP B 56 -16.30 -9.36 -6.41
CA ASP B 56 -17.04 -8.37 -7.09
C ASP B 56 -18.35 -8.24 -6.34
N VAL B 57 -18.76 -6.99 -6.14
CA VAL B 57 -20.03 -6.63 -5.50
C VAL B 57 -20.66 -5.45 -6.25
N ALA B 58 -21.99 -5.32 -6.16
CA ALA B 58 -22.71 -4.20 -6.77
C ALA B 58 -23.02 -3.17 -5.70
N VAL B 59 -22.82 -1.89 -6.05
CA VAL B 59 -22.90 -0.78 -5.10
C VAL B 59 -23.86 0.33 -5.47
N LYS B 60 -24.70 0.74 -4.50
CA LYS B 60 -25.71 1.78 -4.76
C LYS B 60 -25.26 3.10 -4.14
N VAL B 61 -25.32 4.18 -4.91
CA VAL B 61 -24.69 5.45 -4.55
C VAL B 61 -25.69 6.57 -4.71
N LEU B 62 -26.17 7.12 -3.60
CA LEU B 62 -27.15 8.19 -3.62
C LEU B 62 -26.66 9.41 -4.43
N ARG B 63 -27.48 9.94 -5.34
CA ARG B 63 -27.01 10.92 -6.34
C ARG B 63 -25.93 11.89 -5.84
N ALA B 64 -26.13 12.51 -4.69
CA ALA B 64 -25.11 13.37 -4.05
C ALA B 64 -25.81 14.62 -3.63
N ASP B 65 -26.32 15.35 -4.61
CA ASP B 65 -27.28 16.40 -4.34
C ASP B 65 -28.39 15.75 -3.53
N LEU B 66 -29.00 14.71 -4.11
CA LEU B 66 -30.05 13.96 -3.44
C LEU B 66 -29.68 13.64 -1.98
N ALA B 67 -28.36 13.46 -1.75
CA ALA B 67 -27.80 13.11 -0.42
C ALA B 67 -27.90 14.21 0.63
N ARG B 68 -28.20 15.44 0.21
CA ARG B 68 -28.36 16.52 1.17
C ARG B 68 -29.74 16.48 1.76
N ASP B 69 -30.71 16.09 0.94
CA ASP B 69 -32.05 16.01 1.42
C ASP B 69 -32.24 14.78 2.33
N PRO B 70 -32.53 15.05 3.61
CA PRO B 70 -32.82 13.96 4.50
C PRO B 70 -33.91 13.04 3.98
N SER B 71 -35.07 13.57 3.56
CA SER B 71 -36.09 12.80 2.83
C SER B 71 -35.49 11.60 2.05
N PHE B 72 -34.36 11.88 1.38
CA PHE B 72 -33.66 10.90 0.54
C PHE B 72 -32.70 10.09 1.39
N TYR B 73 -31.82 10.79 2.10
CA TYR B 73 -30.97 10.17 3.11
C TYR B 73 -31.65 9.04 3.76
N LEU B 74 -32.73 9.36 4.44
CA LEU B 74 -33.39 8.39 5.25
C LEU B 74 -34.02 7.31 4.40
N ARG B 75 -34.66 7.66 3.28
CA ARG B 75 -35.15 6.63 2.35
C ARG B 75 -34.03 5.81 1.74
N PHE B 76 -32.84 6.34 1.84
CA PHE B 76 -31.71 5.60 1.37
C PHE B 76 -31.27 4.69 2.49
N ARG B 77 -31.06 5.26 3.66
CA ARG B 77 -30.77 4.45 4.79
C ARG B 77 -31.87 3.38 4.91
N ARG B 78 -33.12 3.82 5.05
CA ARG B 78 -34.23 2.89 5.28
C ARG B 78 -34.28 1.83 4.20
N GLU B 79 -33.92 2.20 2.98
CA GLU B 79 -33.81 1.24 1.90
C GLU B 79 -32.89 0.12 2.34
N ALA B 80 -31.66 0.50 2.60
CA ALA B 80 -30.63 -0.44 3.04
C ALA B 80 -31.11 -1.32 4.19
N GLN B 81 -31.69 -0.69 5.22
CA GLN B 81 -32.16 -1.37 6.42
C GLN B 81 -33.22 -2.39 6.08
N ASN B 82 -34.14 -2.00 5.19
CA ASN B 82 -35.19 -2.89 4.72
C ASN B 82 -34.67 -4.05 3.93
N ALA B 83 -33.85 -3.74 2.93
CA ALA B 83 -33.16 -4.77 2.18
C ALA B 83 -32.36 -5.77 3.09
N ALA B 84 -31.29 -5.30 3.72
CA ALA B 84 -30.45 -6.11 4.60
C ALA B 84 -31.27 -6.93 5.57
N ALA B 85 -32.37 -6.36 6.04
CA ALA B 85 -33.26 -7.09 6.96
C ALA B 85 -34.08 -8.27 6.33
N LEU B 86 -33.83 -8.60 5.05
CA LEU B 86 -34.34 -9.83 4.36
C LEU B 86 -33.26 -10.74 3.76
N ASN B 87 -33.14 -11.99 4.17
CA ASN B 87 -32.17 -12.81 3.45
C ASN B 87 -32.77 -14.11 2.95
N HIS B 88 -32.60 -14.31 1.64
CA HIS B 88 -33.24 -15.36 0.86
C HIS B 88 -32.52 -15.40 -0.49
N PRO B 89 -32.29 -16.60 -1.04
CA PRO B 89 -31.45 -16.70 -2.23
C PRO B 89 -32.11 -16.21 -3.50
N ALA B 90 -33.38 -15.86 -3.41
CA ALA B 90 -34.12 -15.37 -4.55
C ALA B 90 -34.25 -13.88 -4.42
N ILE B 91 -33.66 -13.33 -3.36
CA ILE B 91 -33.62 -11.89 -3.14
C ILE B 91 -32.18 -11.43 -3.06
N VAL B 92 -31.85 -10.30 -3.70
CA VAL B 92 -30.45 -9.77 -3.68
C VAL B 92 -29.97 -9.51 -2.25
N ALA B 93 -28.75 -9.92 -1.94
CA ALA B 93 -28.31 -9.66 -0.59
C ALA B 93 -27.74 -8.24 -0.43
N VAL B 94 -27.84 -7.72 0.79
CA VAL B 94 -27.07 -6.54 1.18
C VAL B 94 -25.93 -6.97 2.11
N TYR B 95 -24.72 -6.56 1.74
CA TYR B 95 -23.56 -6.93 2.47
C TYR B 95 -23.09 -5.77 3.31
N ASP B 96 -23.61 -4.58 3.06
CA ASP B 96 -23.00 -3.42 3.69
C ASP B 96 -23.58 -2.10 3.22
N THR B 97 -23.58 -1.10 4.10
CA THR B 97 -23.88 0.30 3.78
C THR B 97 -22.91 1.25 4.47
N GLY B 98 -22.43 2.26 3.77
CA GLY B 98 -21.59 3.26 4.43
C GLY B 98 -21.94 4.63 3.93
N GLU B 99 -21.11 5.61 4.29
CA GLU B 99 -21.11 6.88 3.60
C GLU B 99 -19.70 7.34 3.39
N ALA B 100 -19.24 7.32 2.14
CA ALA B 100 -17.90 7.80 1.83
C ALA B 100 -17.86 9.31 1.86
N GLU B 101 -16.68 9.82 2.18
CA GLU B 101 -16.48 11.25 2.24
C GLU B 101 -15.60 11.70 1.06
N THR B 102 -16.19 12.46 0.13
CA THR B 102 -15.41 12.96 -0.99
C THR B 102 -15.41 14.46 -1.02
N PRO B 103 -14.55 15.04 -1.89
CA PRO B 103 -14.60 16.48 -2.13
C PRO B 103 -16.01 16.93 -2.53
N ALA B 104 -16.72 16.17 -3.36
CA ALA B 104 -18.16 16.45 -3.57
C ALA B 104 -18.99 15.80 -2.43
N GLY B 105 -18.62 16.17 -1.18
CA GLY B 105 -19.35 15.82 0.08
C GLY B 105 -19.44 14.35 0.50
N PRO B 106 -20.26 14.04 1.55
CA PRO B 106 -20.57 12.65 1.90
C PRO B 106 -21.62 12.05 0.98
N LEU B 107 -21.50 10.75 0.72
CA LEU B 107 -22.42 10.10 -0.20
C LEU B 107 -22.74 8.69 0.24
N PRO B 108 -23.90 8.52 0.86
CA PRO B 108 -24.32 7.21 1.31
C PRO B 108 -24.32 6.15 0.19
N TYR B 109 -23.93 4.93 0.56
CA TYR B 109 -23.92 3.83 -0.38
C TYR B 109 -24.36 2.53 0.25
N ILE B 110 -24.68 1.57 -0.61
CA ILE B 110 -25.19 0.30 -0.17
C ILE B 110 -24.48 -0.77 -1.00
N VAL B 111 -23.79 -1.69 -0.32
CA VAL B 111 -23.09 -2.80 -0.96
C VAL B 111 -23.89 -4.08 -0.97
N MET B 112 -24.13 -4.57 -2.19
CA MET B 112 -25.01 -5.71 -2.37
C MET B 112 -24.46 -6.87 -3.15
N GLU B 113 -25.04 -8.04 -2.89
CA GLU B 113 -24.78 -9.22 -3.66
C GLU B 113 -24.72 -8.78 -5.08
N TYR B 114 -23.71 -9.23 -5.81
CA TYR B 114 -23.68 -8.91 -7.23
C TYR B 114 -24.40 -10.00 -8.01
N VAL B 115 -25.07 -9.62 -9.08
CA VAL B 115 -25.70 -10.61 -9.93
C VAL B 115 -25.22 -10.43 -11.37
N ASP B 116 -24.35 -11.35 -11.73
CA ASP B 116 -23.92 -11.48 -13.08
C ASP B 116 -25.02 -12.17 -13.88
N GLY B 117 -25.81 -11.37 -14.58
CA GLY B 117 -26.84 -11.91 -15.44
C GLY B 117 -27.57 -10.80 -16.16
N VAL B 118 -28.82 -11.07 -16.52
CA VAL B 118 -29.70 -10.10 -17.20
C VAL B 118 -31.10 -10.09 -16.62
N THR B 119 -31.89 -9.12 -17.06
CA THR B 119 -33.22 -8.91 -16.51
C THR B 119 -34.22 -9.56 -17.37
N LEU B 120 -35.22 -10.12 -16.70
CA LEU B 120 -36.45 -10.44 -17.36
C LEU B 120 -36.83 -9.42 -18.46
N ARG B 121 -36.57 -8.13 -18.22
CA ARG B 121 -36.84 -7.20 -19.26
C ARG B 121 -35.99 -7.53 -20.47
N ASP B 122 -34.69 -7.63 -20.28
CA ASP B 122 -33.80 -7.82 -21.42
C ASP B 122 -34.10 -9.13 -22.09
N ILE B 123 -34.23 -10.19 -21.30
CA ILE B 123 -34.61 -11.51 -21.83
C ILE B 123 -35.78 -11.37 -22.81
N VAL B 124 -36.90 -10.82 -22.34
CA VAL B 124 -38.12 -10.69 -23.16
C VAL B 124 -37.84 -9.85 -24.40
N HIS B 125 -37.14 -8.75 -24.21
CA HIS B 125 -36.64 -7.96 -25.32
C HIS B 125 -35.77 -8.73 -26.36
N THR B 126 -34.90 -9.65 -25.96
CA THR B 126 -34.11 -10.35 -27.02
C THR B 126 -34.61 -11.73 -27.43
N GLU B 127 -35.20 -12.47 -26.49
CA GLU B 127 -35.69 -13.81 -26.79
C GLU B 127 -36.99 -13.71 -27.52
N GLY B 128 -37.83 -12.79 -27.04
CA GLY B 128 -39.25 -12.81 -27.32
C GLY B 128 -39.86 -13.40 -26.06
N PRO B 129 -41.03 -14.05 -26.18
CA PRO B 129 -41.56 -14.69 -24.98
C PRO B 129 -40.67 -15.87 -24.63
N MET B 130 -40.76 -16.40 -23.42
CA MET B 130 -40.08 -17.66 -23.14
C MET B 130 -41.12 -18.78 -23.06
N THR B 131 -40.66 -20.02 -23.18
CA THR B 131 -41.53 -21.19 -23.02
C THR B 131 -42.33 -21.01 -21.78
N PRO B 132 -43.63 -21.34 -21.85
CA PRO B 132 -44.43 -21.54 -20.65
C PRO B 132 -43.66 -22.32 -19.57
N LYS B 133 -43.20 -23.54 -19.88
CA LYS B 133 -42.47 -24.35 -18.90
C LYS B 133 -41.48 -23.45 -18.15
N ARG B 134 -40.62 -22.78 -18.92
CA ARG B 134 -39.58 -21.90 -18.36
C ARG B 134 -40.18 -20.76 -17.55
N ALA B 135 -41.09 -20.04 -18.16
CA ALA B 135 -41.75 -18.92 -17.52
C ALA B 135 -42.40 -19.28 -16.19
N ILE B 136 -42.98 -20.48 -16.10
CA ILE B 136 -43.66 -20.95 -14.89
C ILE B 136 -42.71 -20.91 -13.72
N GLU B 137 -41.63 -21.69 -13.84
CA GLU B 137 -40.68 -21.84 -12.75
C GLU B 137 -40.04 -20.51 -12.41
N VAL B 138 -39.74 -19.73 -13.44
CA VAL B 138 -39.12 -18.43 -13.23
C VAL B 138 -39.97 -17.56 -12.30
N ILE B 139 -41.26 -17.46 -12.59
CA ILE B 139 -42.14 -16.71 -11.70
C ILE B 139 -42.39 -17.45 -10.40
N ALA B 140 -42.61 -18.76 -10.50
CA ALA B 140 -42.82 -19.58 -9.29
C ALA B 140 -41.78 -19.21 -8.24
N ASP B 141 -40.54 -19.09 -8.71
CA ASP B 141 -39.39 -18.69 -7.90
C ASP B 141 -39.59 -17.26 -7.33
N ALA B 142 -39.95 -16.32 -8.19
CA ALA B 142 -40.23 -14.97 -7.71
C ALA B 142 -41.27 -14.92 -6.58
N CYS B 143 -42.30 -15.76 -6.64
CA CYS B 143 -43.28 -15.82 -5.55
C CYS B 143 -42.66 -16.04 -4.18
N GLN B 144 -41.83 -17.08 -4.09
CA GLN B 144 -41.17 -17.44 -2.85
C GLN B 144 -40.44 -16.23 -2.30
N ALA B 145 -39.62 -15.64 -3.16
CA ALA B 145 -38.92 -14.39 -2.84
C ALA B 145 -39.93 -13.40 -2.26
N LEU B 146 -40.96 -13.12 -3.06
CA LEU B 146 -41.99 -12.16 -2.68
C LEU B 146 -42.70 -12.54 -1.41
N ASN B 147 -43.00 -13.83 -1.26
CA ASN B 147 -43.63 -14.25 -0.04
C ASN B 147 -42.73 -14.03 1.17
N PHE B 148 -41.51 -14.55 1.10
CA PHE B 148 -40.57 -14.35 2.17
C PHE B 148 -40.57 -12.91 2.59
N SER B 149 -40.52 -12.03 1.60
CA SER B 149 -40.57 -10.62 1.84
C SER B 149 -41.79 -10.30 2.67
N HIS B 150 -42.95 -10.62 2.14
CA HIS B 150 -44.20 -10.38 2.84
C HIS B 150 -44.15 -10.97 4.21
N GLN B 151 -43.68 -12.20 4.28
CA GLN B 151 -43.62 -12.93 5.51
C GLN B 151 -42.83 -12.14 6.50
N ASN B 152 -41.95 -11.29 5.98
CA ASN B 152 -41.14 -10.47 6.84
C ASN B 152 -41.64 -9.03 7.01
N GLY B 153 -42.86 -8.75 6.55
CA GLY B 153 -43.47 -7.43 6.75
C GLY B 153 -43.09 -6.40 5.71
N ILE B 154 -42.48 -6.84 4.62
CA ILE B 154 -42.06 -5.94 3.56
C ILE B 154 -42.85 -6.22 2.31
N ILE B 155 -43.46 -5.15 1.78
CA ILE B 155 -44.08 -5.19 0.47
C ILE B 155 -43.13 -4.50 -0.46
N HIS B 156 -43.02 -5.04 -1.67
CA HIS B 156 -42.00 -4.64 -2.60
C HIS B 156 -42.36 -3.39 -3.32
N ARG B 157 -43.63 -3.32 -3.69
CA ARG B 157 -44.20 -2.14 -4.32
C ARG B 157 -43.80 -1.93 -5.80
N ASP B 158 -43.02 -2.82 -6.42
CA ASP B 158 -42.32 -2.35 -7.63
C ASP B 158 -41.89 -3.44 -8.55
N VAL B 159 -42.70 -4.47 -8.56
CA VAL B 159 -42.37 -5.68 -9.25
C VAL B 159 -42.50 -5.50 -10.76
N LYS B 160 -41.40 -5.62 -11.49
CA LYS B 160 -41.47 -5.49 -12.97
C LYS B 160 -40.26 -6.15 -13.61
N PRO B 161 -40.39 -6.61 -14.85
CA PRO B 161 -39.37 -7.38 -15.54
C PRO B 161 -37.96 -6.87 -15.31
N ALA B 162 -37.79 -5.56 -15.27
CA ALA B 162 -36.46 -5.04 -15.00
C ALA B 162 -36.06 -5.12 -13.54
N ASN B 163 -36.92 -5.66 -12.69
CA ASN B 163 -36.53 -5.83 -11.30
C ASN B 163 -36.27 -7.29 -10.91
N ILE B 164 -36.44 -8.17 -11.88
CA ILE B 164 -36.19 -9.60 -11.71
C ILE B 164 -35.06 -10.03 -12.65
N MET B 165 -34.06 -10.73 -12.11
CA MET B 165 -32.89 -11.12 -12.89
C MET B 165 -32.70 -12.59 -12.97
N ILE B 166 -32.00 -13.00 -14.03
CA ILE B 166 -31.51 -14.38 -14.14
C ILE B 166 -29.99 -14.48 -14.06
N SER B 167 -29.52 -15.06 -12.96
CA SER B 167 -28.12 -15.28 -12.76
C SER B 167 -27.59 -16.10 -13.92
N ALA B 168 -26.30 -15.93 -14.19
CA ALA B 168 -25.56 -16.82 -15.08
C ALA B 168 -25.76 -18.29 -14.70
N THR B 169 -25.65 -18.58 -13.42
CA THR B 169 -26.04 -19.86 -12.87
C THR B 169 -27.57 -20.11 -12.88
N ASN B 170 -28.30 -19.37 -13.71
CA ASN B 170 -29.77 -19.53 -13.84
C ASN B 170 -30.64 -19.43 -12.59
N ALA B 171 -30.19 -18.62 -11.63
CA ALA B 171 -30.97 -18.37 -10.41
C ALA B 171 -31.91 -17.23 -10.67
N VAL B 172 -32.92 -17.11 -9.83
CA VAL B 172 -33.73 -15.92 -9.86
C VAL B 172 -33.29 -14.98 -8.73
N LYS B 173 -32.98 -13.75 -9.08
CA LYS B 173 -32.78 -12.73 -8.09
C LYS B 173 -33.75 -11.55 -8.34
N VAL B 174 -34.64 -11.37 -7.39
CA VAL B 174 -35.49 -10.18 -7.31
C VAL B 174 -34.69 -9.04 -6.73
N MET B 175 -34.82 -7.83 -7.27
CA MET B 175 -34.23 -6.74 -6.53
C MET B 175 -34.93 -5.42 -6.57
N ASP B 176 -34.22 -4.40 -6.07
CA ASP B 176 -34.67 -3.00 -6.01
C ASP B 176 -35.79 -2.83 -5.00
N PHE B 177 -35.52 -3.22 -3.77
CA PHE B 177 -36.42 -2.81 -2.72
C PHE B 177 -36.29 -1.30 -2.46
N GLY B 178 -36.28 -0.52 -3.55
CA GLY B 178 -36.08 0.93 -3.54
C GLY B 178 -37.27 1.66 -2.94
N ILE B 179 -38.49 1.20 -3.29
CA ILE B 179 -39.79 1.78 -2.78
C ILE B 179 -40.44 0.98 -1.65
N ALA B 180 -40.04 -0.30 -1.55
CA ALA B 180 -40.46 -1.23 -0.48
C ALA B 180 -40.78 -0.48 0.82
N ARG B 181 -42.00 -0.68 1.35
CA ARG B 181 -42.34 -0.21 2.72
C ARG B 181 -42.49 -1.39 3.69
N ALA B 182 -41.84 -1.25 4.85
CA ALA B 182 -42.09 -2.11 6.01
C ALA B 182 -43.55 -1.87 6.47
N ILE B 183 -43.93 -2.37 7.64
CA ILE B 183 -45.14 -1.87 8.32
C ILE B 183 -44.69 -1.21 9.63
N GLY B 198 -42.31 8.15 -13.73
CA GLY B 198 -42.07 6.68 -13.61
C GLY B 198 -43.14 6.00 -14.47
N THR B 199 -42.80 5.01 -15.33
CA THR B 199 -43.61 4.79 -16.58
C THR B 199 -44.62 3.57 -16.96
N ALA B 200 -45.72 3.59 -16.19
CA ALA B 200 -47.02 2.80 -16.31
C ALA B 200 -47.34 1.30 -16.13
N GLN B 201 -46.74 0.38 -16.88
CA GLN B 201 -47.44 -0.93 -17.13
C GLN B 201 -47.76 -1.88 -16.01
N TYR B 202 -46.99 -1.81 -14.93
CA TYR B 202 -46.90 -2.95 -14.06
C TYR B 202 -47.48 -2.65 -12.75
N LEU B 203 -48.17 -1.53 -12.65
CA LEU B 203 -48.70 -1.24 -11.33
C LEU B 203 -50.11 -1.73 -11.07
N SER B 204 -50.41 -1.91 -9.79
CA SER B 204 -51.69 -2.46 -9.40
C SER B 204 -52.74 -1.36 -9.40
N PRO B 205 -54.02 -1.76 -9.56
CA PRO B 205 -55.13 -0.79 -9.56
C PRO B 205 -55.12 0.15 -8.34
N GLU B 206 -54.86 -0.35 -7.15
CA GLU B 206 -54.87 0.50 -5.96
C GLU B 206 -53.69 1.48 -5.90
N GLN B 207 -52.54 1.09 -6.47
CA GLN B 207 -51.43 2.04 -6.64
C GLN B 207 -51.95 3.12 -7.58
N ALA B 208 -52.65 2.68 -8.64
CA ALA B 208 -53.22 3.60 -9.63
C ALA B 208 -54.12 4.64 -8.95
N ARG B 209 -55.23 4.22 -8.33
CA ARG B 209 -56.12 5.16 -7.60
C ARG B 209 -55.39 5.87 -6.46
N GLY B 210 -54.34 5.24 -5.95
CA GLY B 210 -53.47 5.84 -4.93
C GLY B 210 -53.96 5.56 -3.52
N ASP B 211 -54.11 4.27 -3.18
CA ASP B 211 -54.50 3.83 -1.82
C ASP B 211 -53.43 3.00 -1.19
N SER B 212 -53.63 2.74 0.11
CA SER B 212 -52.96 1.67 0.82
C SER B 212 -52.68 0.49 -0.13
N VAL B 213 -51.43 0.03 -0.14
CA VAL B 213 -51.03 -1.15 -0.92
C VAL B 213 -50.65 -2.33 0.01
N ASP B 214 -50.77 -3.56 -0.48
CA ASP B 214 -50.36 -4.72 0.33
C ASP B 214 -49.86 -5.89 -0.52
N ALA B 215 -49.58 -7.02 0.13
CA ALA B 215 -49.14 -8.26 -0.55
C ALA B 215 -49.85 -8.53 -1.90
N ARG B 216 -51.16 -8.31 -1.94
CA ARG B 216 -51.93 -8.57 -3.16
C ARG B 216 -51.48 -7.65 -4.30
N SER B 217 -51.20 -6.40 -3.95
CA SER B 217 -50.72 -5.44 -4.88
C SER B 217 -49.46 -6.00 -5.56
N ASP B 218 -48.57 -6.60 -4.78
CA ASP B 218 -47.37 -7.27 -5.29
C ASP B 218 -47.72 -8.47 -6.20
N VAL B 219 -48.68 -9.28 -5.76
CA VAL B 219 -49.23 -10.37 -6.57
C VAL B 219 -49.67 -9.94 -7.99
N TYR B 220 -50.42 -8.84 -8.06
CA TYR B 220 -50.89 -8.31 -9.31
C TYR B 220 -49.74 -7.96 -10.20
N SER B 221 -48.83 -7.15 -9.66
CA SER B 221 -47.70 -6.65 -10.43
C SER B 221 -47.00 -7.83 -11.04
N LEU B 222 -46.84 -8.88 -10.23
CA LEU B 222 -46.24 -10.14 -10.69
C LEU B 222 -47.06 -10.82 -11.79
N GLY B 223 -48.38 -10.85 -11.63
CA GLY B 223 -49.25 -11.29 -12.69
C GLY B 223 -48.79 -10.63 -13.97
N CYS B 224 -48.78 -9.29 -13.98
CA CYS B 224 -48.37 -8.53 -15.16
C CYS B 224 -47.10 -9.11 -15.71
N VAL B 225 -46.11 -9.27 -14.85
CA VAL B 225 -44.84 -9.79 -15.33
C VAL B 225 -45.06 -11.14 -15.99
N LEU B 226 -45.76 -12.02 -15.30
CA LEU B 226 -46.04 -13.31 -15.87
C LEU B 226 -46.66 -13.17 -17.25
N TYR B 227 -47.61 -12.27 -17.37
CA TYR B 227 -48.26 -12.08 -18.64
C TYR B 227 -47.21 -11.66 -19.65
N GLU B 228 -46.35 -10.72 -19.27
CA GLU B 228 -45.34 -10.18 -20.19
C GLU B 228 -44.45 -11.26 -20.76
N VAL B 229 -44.00 -12.15 -19.89
CA VAL B 229 -43.05 -13.20 -20.26
C VAL B 229 -43.70 -14.30 -21.08
N LEU B 230 -44.98 -14.51 -20.82
CA LEU B 230 -45.72 -15.54 -21.50
C LEU B 230 -46.14 -15.15 -22.92
N THR B 231 -46.47 -13.85 -23.10
CA THR B 231 -47.03 -13.31 -24.36
C THR B 231 -46.01 -12.50 -25.16
N GLY B 232 -44.87 -12.19 -24.56
CA GLY B 232 -43.95 -11.28 -25.20
C GLY B 232 -44.41 -9.86 -24.98
N GLU B 233 -45.61 -9.65 -24.46
CA GLU B 233 -46.05 -8.27 -24.22
C GLU B 233 -46.88 -8.03 -22.96
N PRO B 234 -46.94 -6.75 -22.51
CA PRO B 234 -47.63 -6.36 -21.29
C PRO B 234 -49.11 -6.54 -21.46
N PRO B 235 -49.84 -6.61 -20.35
CA PRO B 235 -51.31 -6.65 -20.44
C PRO B 235 -51.89 -5.40 -21.11
N PHE B 236 -51.41 -4.24 -20.69
CA PHE B 236 -51.95 -2.95 -21.10
C PHE B 236 -50.80 -2.02 -21.56
N THR B 237 -51.14 -1.04 -22.39
CA THR B 237 -50.16 -0.31 -23.17
C THR B 237 -50.78 1.00 -23.67
N GLY B 238 -50.15 2.15 -23.40
CA GLY B 238 -50.71 3.47 -23.73
C GLY B 238 -49.77 4.53 -24.28
N ASP B 239 -50.22 5.77 -24.39
CA ASP B 239 -49.35 6.84 -24.90
C ASP B 239 -48.63 7.55 -23.76
N SER B 240 -49.00 7.16 -22.53
CA SER B 240 -48.55 7.79 -21.29
C SER B 240 -48.90 6.88 -20.12
N PRO B 241 -48.21 7.03 -18.97
CA PRO B 241 -48.71 6.40 -17.74
C PRO B 241 -50.21 6.45 -17.47
N VAL B 242 -50.87 7.59 -17.67
CA VAL B 242 -52.27 7.72 -17.23
C VAL B 242 -53.21 6.83 -17.99
N SER B 243 -52.95 6.75 -19.28
CA SER B 243 -53.69 5.92 -20.17
C SER B 243 -53.60 4.47 -19.75
N VAL B 244 -52.44 4.08 -19.25
CA VAL B 244 -52.25 2.71 -18.83
C VAL B 244 -52.89 2.51 -17.49
N ALA B 245 -52.69 3.49 -16.61
CA ALA B 245 -53.35 3.52 -15.32
C ALA B 245 -54.84 3.27 -15.44
N TYR B 246 -55.50 3.98 -16.33
CA TYR B 246 -56.93 3.74 -16.55
C TYR B 246 -57.19 2.34 -16.99
N GLN B 247 -56.39 1.85 -17.93
CA GLN B 247 -56.60 0.54 -18.44
C GLN B 247 -56.51 -0.48 -17.28
N HIS B 248 -55.55 -0.32 -16.37
CA HIS B 248 -55.46 -1.25 -15.22
C HIS B 248 -56.77 -1.23 -14.47
N VAL B 249 -57.23 -0.03 -14.15
CA VAL B 249 -58.45 0.14 -13.40
C VAL B 249 -59.68 -0.34 -14.17
N ARG B 250 -59.76 -0.09 -15.48
CA ARG B 250 -61.01 -0.28 -16.22
C ARG B 250 -61.18 -1.50 -17.13
N GLU B 251 -60.24 -1.71 -18.05
CA GLU B 251 -60.39 -2.79 -19.03
C GLU B 251 -60.02 -4.14 -18.42
N ASP B 252 -60.62 -5.21 -18.96
CA ASP B 252 -60.19 -6.57 -18.66
C ASP B 252 -58.94 -6.83 -19.41
N PRO B 253 -58.17 -7.79 -18.92
CA PRO B 253 -56.98 -8.18 -19.64
C PRO B 253 -57.39 -9.09 -20.79
N ILE B 254 -56.78 -8.92 -21.97
CA ILE B 254 -56.91 -9.94 -23.01
C ILE B 254 -56.38 -11.24 -22.43
N PRO B 255 -57.18 -12.31 -22.53
CA PRO B 255 -56.64 -13.60 -22.11
C PRO B 255 -55.37 -13.90 -22.90
N PRO B 256 -54.27 -14.28 -22.20
CA PRO B 256 -52.96 -14.55 -22.83
C PRO B 256 -53.03 -15.47 -24.06
N SER B 257 -53.81 -16.55 -23.98
CA SER B 257 -53.91 -17.48 -25.09
C SER B 257 -54.39 -16.80 -26.37
N ALA B 258 -55.11 -15.67 -26.21
CA ALA B 258 -55.53 -14.84 -27.35
C ALA B 258 -54.37 -14.04 -27.93
N ARG B 259 -53.45 -13.63 -27.07
CA ARG B 259 -52.27 -12.88 -27.51
C ARG B 259 -51.13 -13.74 -28.08
N HIS B 260 -51.23 -15.05 -27.94
CA HIS B 260 -50.11 -15.97 -28.21
C HIS B 260 -50.57 -17.43 -28.01
N GLU B 261 -50.80 -18.15 -29.11
CA GLU B 261 -51.22 -19.55 -29.05
C GLU B 261 -50.14 -20.36 -28.32
N GLY B 262 -50.47 -21.62 -28.00
CA GLY B 262 -49.60 -22.47 -27.18
C GLY B 262 -49.57 -22.05 -25.72
N LEU B 263 -50.69 -21.48 -25.28
CA LEU B 263 -50.88 -21.12 -23.88
C LEU B 263 -52.15 -21.83 -23.38
N SER B 264 -51.97 -22.68 -22.37
CA SER B 264 -53.05 -23.53 -21.88
C SER B 264 -54.13 -22.72 -21.20
N ALA B 265 -55.36 -23.17 -21.40
CA ALA B 265 -56.53 -22.57 -20.78
C ALA B 265 -56.40 -22.53 -19.26
N ASP B 266 -55.88 -23.62 -18.68
CA ASP B 266 -55.51 -23.73 -17.26
C ASP B 266 -54.76 -22.51 -16.79
N LEU B 267 -53.75 -22.17 -17.59
CA LEU B 267 -52.77 -21.16 -17.28
C LEU B 267 -53.39 -19.80 -17.44
N ASP B 268 -54.27 -19.66 -18.44
CA ASP B 268 -54.98 -18.43 -18.61
C ASP B 268 -55.56 -18.06 -17.26
N ALA B 269 -56.42 -18.92 -16.73
CA ALA B 269 -57.09 -18.73 -15.44
C ALA B 269 -56.17 -18.24 -14.33
N VAL B 270 -54.95 -18.76 -14.30
CA VAL B 270 -53.95 -18.39 -13.29
C VAL B 270 -53.61 -16.93 -13.42
N VAL B 271 -53.13 -16.55 -14.61
CA VAL B 271 -52.72 -15.19 -14.94
C VAL B 271 -53.85 -14.24 -14.52
N LEU B 272 -55.04 -14.45 -15.08
CA LEU B 272 -56.22 -13.60 -14.86
C LEU B 272 -56.64 -13.45 -13.39
N LYS B 273 -56.44 -14.50 -12.59
CA LYS B 273 -56.74 -14.43 -11.16
C LYS B 273 -55.79 -13.47 -10.43
N ALA B 274 -54.52 -13.47 -10.80
CA ALA B 274 -53.54 -12.58 -10.21
C ALA B 274 -53.89 -11.15 -10.60
N LEU B 275 -54.59 -11.05 -11.72
CA LEU B 275 -54.88 -9.79 -12.36
C LEU B 275 -56.28 -9.36 -12.05
N ALA B 276 -56.92 -10.13 -11.17
CA ALA B 276 -58.25 -9.78 -10.72
C ALA B 276 -58.21 -8.32 -10.32
N LYS B 277 -59.22 -7.59 -10.76
CA LYS B 277 -59.27 -6.18 -10.49
C LYS B 277 -59.40 -5.94 -8.99
N ASN B 278 -60.27 -6.70 -8.34
CA ASN B 278 -60.44 -6.63 -6.91
C ASN B 278 -59.34 -7.41 -6.20
N PRO B 279 -58.62 -6.77 -5.25
CA PRO B 279 -57.63 -7.53 -4.47
C PRO B 279 -58.31 -8.75 -3.84
N GLU B 280 -59.51 -8.56 -3.28
CA GLU B 280 -60.30 -9.66 -2.77
C GLU B 280 -60.25 -10.86 -3.69
N ASN B 281 -60.40 -10.62 -4.99
CA ASN B 281 -60.48 -11.72 -5.93
C ASN B 281 -59.16 -12.24 -6.47
N ARG B 282 -58.07 -11.56 -6.15
CA ARG B 282 -56.75 -12.05 -6.47
C ARG B 282 -56.36 -13.13 -5.48
N TYR B 283 -55.22 -13.79 -5.73
CA TYR B 283 -54.62 -14.69 -4.73
C TYR B 283 -54.25 -13.82 -3.54
N GLN B 284 -54.47 -14.32 -2.32
CA GLN B 284 -54.23 -13.50 -1.13
C GLN B 284 -52.77 -13.48 -0.70
N THR B 285 -52.00 -14.49 -1.14
CA THR B 285 -50.58 -14.66 -0.86
C THR B 285 -49.86 -15.07 -2.12
N ALA B 286 -48.60 -14.64 -2.26
CA ALA B 286 -47.75 -15.16 -3.34
C ALA B 286 -47.68 -16.69 -3.27
N ALA B 287 -47.75 -17.21 -2.04
CA ALA B 287 -47.71 -18.62 -1.78
C ALA B 287 -48.87 -19.26 -2.51
N GLU B 288 -50.06 -18.72 -2.33
CA GLU B 288 -51.22 -19.30 -2.97
C GLU B 288 -51.00 -19.35 -4.48
N MET B 289 -50.58 -18.23 -5.07
CA MET B 289 -50.31 -18.13 -6.51
C MET B 289 -49.30 -19.19 -6.97
N ARG B 290 -48.15 -19.19 -6.31
CA ARG B 290 -47.12 -20.20 -6.61
C ARG B 290 -47.80 -21.56 -6.69
N ALA B 291 -48.51 -21.92 -5.63
CA ALA B 291 -49.20 -23.18 -5.55
C ALA B 291 -49.86 -23.49 -6.90
N ASP B 292 -50.74 -22.59 -7.35
CA ASP B 292 -51.46 -22.73 -8.62
C ASP B 292 -50.57 -22.98 -9.81
N LEU B 293 -49.57 -22.11 -9.97
CA LEU B 293 -48.56 -22.24 -10.98
C LEU B 293 -47.96 -23.64 -11.02
N VAL B 294 -47.52 -24.11 -9.85
CA VAL B 294 -46.84 -25.39 -9.77
C VAL B 294 -47.81 -26.50 -10.00
N ARG B 295 -49.10 -26.24 -9.82
CA ARG B 295 -50.08 -27.30 -10.10
C ARG B 295 -50.46 -27.39 -11.60
N VAL B 296 -50.10 -26.37 -12.38
CA VAL B 296 -50.26 -26.38 -13.84
C VAL B 296 -49.03 -26.98 -14.54
N HIS B 297 -47.85 -26.49 -14.12
CA HIS B 297 -46.50 -27.04 -14.35
C HIS B 297 -46.49 -28.55 -14.09
N ASN B 298 -47.18 -28.99 -13.03
CA ASN B 298 -47.28 -30.43 -12.68
C ASN B 298 -48.66 -31.06 -12.99
N THR C 23 25.49 8.57 31.68
CA THR C 23 25.55 9.30 30.36
C THR C 23 26.78 10.27 30.27
N PRO C 24 27.53 10.24 29.13
CA PRO C 24 28.96 10.72 28.97
C PRO C 24 29.20 12.19 28.50
N SER C 25 30.45 12.67 28.57
CA SER C 25 30.68 14.12 28.43
C SER C 25 31.44 14.58 27.20
N HIS C 26 32.72 14.25 27.16
CA HIS C 26 33.59 14.64 26.05
C HIS C 26 34.28 13.41 25.53
N LEU C 27 34.07 13.11 24.24
CA LEU C 27 34.62 11.89 23.65
C LEU C 27 36.06 12.03 23.14
N SER C 28 36.93 11.11 23.58
CA SER C 28 38.37 11.20 23.33
C SER C 28 38.81 12.65 23.54
N ASP C 29 38.30 13.19 24.64
CA ASP C 29 38.31 14.62 24.99
C ASP C 29 38.35 15.69 23.88
N ARG C 30 37.92 15.34 22.67
CA ARG C 30 37.91 16.26 21.53
C ARG C 30 36.51 16.68 21.07
N TYR C 31 35.60 15.72 21.02
CA TYR C 31 34.27 15.99 20.49
C TYR C 31 33.37 16.27 21.64
N GLU C 32 32.98 17.53 21.83
CA GLU C 32 32.17 17.89 22.98
C GLU C 32 30.73 17.61 22.71
N LEU C 33 30.14 16.77 23.56
CA LEU C 33 28.75 16.31 23.37
C LEU C 33 27.67 17.35 23.61
N GLY C 34 27.03 17.78 22.52
CA GLY C 34 25.90 18.70 22.57
C GLY C 34 24.65 17.96 23.01
N GLU C 35 23.54 18.16 22.31
CA GLU C 35 22.33 17.45 22.70
C GLU C 35 21.69 16.51 21.64
N ILE C 36 20.69 15.78 22.09
CA ILE C 36 20.08 14.67 21.36
C ILE C 36 19.29 15.12 20.14
N LEU C 37 19.60 14.54 18.99
CA LEU C 37 18.85 14.81 17.77
C LEU C 37 17.80 13.72 17.51
N GLY C 38 18.25 12.46 17.38
CA GLY C 38 17.36 11.28 17.11
C GLY C 38 17.90 10.02 17.77
N PHE C 39 17.11 8.95 17.88
CA PHE C 39 17.55 7.85 18.76
C PHE C 39 17.08 6.41 18.51
N GLY C 40 17.37 5.90 17.32
CA GLY C 40 16.97 4.56 16.91
C GLY C 40 17.71 3.34 17.48
N GLY C 41 16.95 2.50 18.20
CA GLY C 41 17.39 1.16 18.63
C GLY C 41 18.55 1.02 19.62
N MET C 42 19.70 1.59 19.24
CA MET C 42 20.93 1.63 20.05
C MET C 42 21.62 2.96 19.92
N SER C 43 21.74 3.38 18.68
CA SER C 43 22.36 4.64 18.37
C SER C 43 21.53 5.76 18.95
N GLU C 44 22.22 6.72 19.55
CA GLU C 44 21.63 8.02 19.74
C GLU C 44 22.50 9.12 19.13
N VAL C 45 21.87 10.06 18.43
CA VAL C 45 22.59 11.07 17.67
C VAL C 45 22.58 12.42 18.35
N HIS C 46 23.76 12.99 18.52
CA HIS C 46 23.87 14.28 19.13
C HIS C 46 24.45 15.30 18.18
N LEU C 47 24.05 16.56 18.37
CA LEU C 47 24.81 17.69 17.84
C LEU C 47 26.04 17.81 18.74
N ALA C 48 27.13 18.36 18.24
CA ALA C 48 28.40 18.33 18.95
C ALA C 48 29.37 19.30 18.32
N ARG C 49 30.33 19.78 19.11
CA ARG C 49 31.39 20.62 18.55
C ARG C 49 32.71 19.90 18.54
N ASP C 50 33.26 19.69 17.34
CA ASP C 50 34.57 19.09 17.20
C ASP C 50 35.56 20.18 17.57
N LEU C 51 36.02 20.13 18.81
CA LEU C 51 36.77 21.23 19.41
C LEU C 51 38.10 21.44 18.72
N ARG C 52 38.52 20.48 17.92
CA ARG C 52 39.82 20.61 17.30
C ARG C 52 39.67 21.28 15.95
N LEU C 53 38.60 20.96 15.24
CA LEU C 53 38.40 21.52 13.92
C LEU C 53 37.46 22.73 13.95
N HIS C 54 37.04 23.13 15.14
CA HIS C 54 36.05 24.21 15.31
C HIS C 54 34.95 24.21 14.25
N ARG C 55 34.08 23.22 14.38
CA ARG C 55 32.88 23.13 13.59
C ARG C 55 31.88 22.29 14.34
N ASP C 56 30.66 22.28 13.83
CA ASP C 56 29.59 21.45 14.37
C ASP C 56 29.43 20.13 13.65
N VAL C 57 29.20 19.07 14.43
CA VAL C 57 29.06 17.76 13.87
C VAL C 57 27.98 16.93 14.57
N ALA C 58 27.46 15.94 13.85
CA ALA C 58 26.54 14.96 14.42
C ALA C 58 27.29 13.72 14.82
N VAL C 59 27.05 13.29 16.05
CA VAL C 59 27.77 12.16 16.60
C VAL C 59 26.81 11.08 17.03
N LYS C 60 27.02 9.88 16.47
CA LYS C 60 26.22 8.71 16.77
C LYS C 60 26.94 7.80 17.79
N VAL C 61 26.33 7.62 18.96
CA VAL C 61 26.92 6.84 20.04
C VAL C 61 26.09 5.60 20.30
N LEU C 62 26.76 4.53 20.69
CA LEU C 62 26.05 3.33 21.08
C LEU C 62 25.36 3.48 22.46
N ARG C 63 24.46 2.53 22.75
CA ARG C 63 23.65 2.58 23.96
C ARG C 63 24.48 2.45 25.23
N ALA C 64 25.71 1.94 25.10
CA ALA C 64 26.72 1.82 26.19
C ALA C 64 26.67 0.49 26.97
N ASP C 65 25.46 0.00 27.21
CA ASP C 65 25.27 -1.37 27.69
C ASP C 65 25.61 -2.34 26.57
N LEU C 66 25.19 -1.96 25.36
CA LEU C 66 25.43 -2.73 24.14
C LEU C 66 26.86 -2.51 23.58
N ALA C 67 27.62 -1.62 24.23
CA ALA C 67 28.99 -1.30 23.84
C ALA C 67 29.96 -2.41 24.20
N ARG C 68 29.95 -2.80 25.48
CA ARG C 68 30.74 -3.93 25.98
C ARG C 68 30.22 -5.28 25.43
N ASP C 69 29.01 -5.29 24.84
CA ASP C 69 28.51 -6.44 24.07
C ASP C 69 29.13 -6.34 22.69
N PRO C 70 30.02 -7.31 22.36
CA PRO C 70 30.73 -7.34 21.07
C PRO C 70 29.80 -7.55 19.89
N SER C 71 28.85 -8.48 19.99
CA SER C 71 27.91 -8.77 18.90
C SER C 71 27.34 -7.50 18.26
N PHE C 72 26.76 -6.62 19.07
CA PHE C 72 26.23 -5.33 18.59
C PHE C 72 27.32 -4.41 18.10
N TYR C 73 28.50 -4.48 18.73
CA TYR C 73 29.57 -3.53 18.45
C TYR C 73 30.24 -3.66 17.07
N LEU C 74 30.41 -4.89 16.59
CA LEU C 74 31.04 -5.13 15.29
C LEU C 74 30.20 -4.57 14.18
N ARG C 75 28.88 -4.64 14.35
CA ARG C 75 27.90 -4.06 13.43
C ARG C 75 27.94 -2.51 13.40
N PHE C 76 28.18 -1.91 14.57
CA PHE C 76 28.37 -0.47 14.67
C PHE C 76 29.66 -0.13 13.95
N ARG C 77 30.75 -0.84 14.31
CA ARG C 77 32.06 -0.72 13.64
C ARG C 77 31.88 -0.77 12.11
N ARG C 78 31.24 -1.86 11.64
CA ARG C 78 30.94 -2.11 10.21
C ARG C 78 29.97 -1.12 9.59
N GLU C 79 29.04 -0.59 10.38
CA GLU C 79 28.09 0.40 9.87
C GLU C 79 28.84 1.68 9.45
N ALA C 80 29.77 2.10 10.30
CA ALA C 80 30.57 3.29 10.09
C ALA C 80 31.38 3.17 8.83
N GLN C 81 32.07 2.04 8.70
CA GLN C 81 33.01 1.78 7.60
C GLN C 81 32.36 1.87 6.24
N ASN C 82 31.09 1.54 6.23
CA ASN C 82 30.33 1.36 5.04
C ASN C 82 29.83 2.66 4.47
N ALA C 83 29.22 3.45 5.35
CA ALA C 83 28.84 4.81 5.06
C ALA C 83 30.02 5.63 4.61
N ALA C 84 31.19 5.24 5.09
CA ALA C 84 32.45 5.92 4.79
C ALA C 84 32.74 5.85 3.30
N ALA C 85 32.69 4.65 2.74
CA ALA C 85 32.93 4.47 1.33
C ALA C 85 31.78 5.02 0.48
N LEU C 86 30.97 5.93 1.03
CA LEU C 86 29.97 6.68 0.26
C LEU C 86 30.10 8.22 0.39
N ASN C 87 30.49 8.85 -0.71
CA ASN C 87 30.59 10.29 -0.72
C ASN C 87 29.83 10.99 -1.82
N HIS C 88 28.68 11.51 -1.44
CA HIS C 88 27.71 12.03 -2.38
C HIS C 88 26.88 13.05 -1.64
N PRO C 89 26.60 14.17 -2.30
CA PRO C 89 25.96 15.28 -1.64
C PRO C 89 24.51 15.04 -1.17
N ALA C 90 23.90 13.91 -1.51
CA ALA C 90 22.53 13.68 -1.04
C ALA C 90 22.54 12.68 0.11
N ILE C 91 23.75 12.20 0.41
CA ILE C 91 24.01 11.19 1.42
C ILE C 91 24.87 11.81 2.51
N VAL C 92 24.40 11.78 3.75
CA VAL C 92 25.17 12.30 4.89
C VAL C 92 26.60 11.68 4.92
N ALA C 93 27.64 12.50 5.00
CA ALA C 93 29.01 11.95 4.94
C ALA C 93 29.52 11.72 6.34
N VAL C 94 30.51 10.83 6.47
CA VAL C 94 31.09 10.55 7.77
C VAL C 94 32.53 11.03 7.87
N TYR C 95 32.83 11.74 8.95
CA TYR C 95 34.12 12.35 9.14
C TYR C 95 35.11 11.48 9.89
N ASP C 96 34.61 10.80 10.92
CA ASP C 96 35.48 10.14 11.85
C ASP C 96 34.73 9.09 12.66
N THR C 97 35.49 8.20 13.32
CA THR C 97 34.94 7.13 14.17
C THR C 97 35.93 6.67 15.24
N GLY C 98 35.45 6.23 16.42
CA GLY C 98 36.36 5.70 17.44
C GLY C 98 35.80 5.21 18.76
N GLU C 99 36.64 5.30 19.79
CA GLU C 99 36.44 4.62 21.08
C GLU C 99 36.70 5.52 22.29
N ALA C 100 35.72 6.25 22.81
CA ALA C 100 35.99 7.03 24.03
C ALA C 100 36.03 6.07 25.23
N GLU C 101 37.21 5.77 25.76
CA GLU C 101 37.29 4.79 26.85
C GLU C 101 36.78 5.42 28.16
N THR C 102 35.46 5.32 28.39
CA THR C 102 34.79 5.78 29.64
C THR C 102 35.13 4.91 30.87
N PRO C 103 34.77 5.38 32.09
CA PRO C 103 34.88 4.49 33.23
C PRO C 103 33.92 3.29 33.11
N ALA C 104 32.83 3.45 32.35
CA ALA C 104 31.88 2.35 32.10
C ALA C 104 32.49 1.22 31.28
N GLY C 105 33.46 1.58 30.44
CA GLY C 105 34.12 0.65 29.53
C GLY C 105 34.47 1.35 28.23
N PRO C 106 34.49 0.61 27.11
CA PRO C 106 34.73 1.25 25.82
C PRO C 106 33.41 1.78 25.25
N LEU C 107 33.40 3.03 24.74
CA LEU C 107 32.20 3.56 24.07
C LEU C 107 32.50 4.07 22.67
N PRO C 108 31.90 3.39 21.67
CA PRO C 108 32.02 3.70 20.25
C PRO C 108 31.05 4.75 19.76
N TYR C 109 31.53 5.54 18.80
CA TYR C 109 30.81 6.67 18.25
C TYR C 109 31.20 6.93 16.81
N ILE C 110 30.31 7.56 16.06
CA ILE C 110 30.68 8.06 14.75
C ILE C 110 30.44 9.56 14.62
N VAL C 111 31.36 10.23 13.93
CA VAL C 111 31.23 11.64 13.65
C VAL C 111 30.88 11.80 12.21
N MET C 112 29.64 12.21 11.97
CA MET C 112 29.18 12.52 10.62
C MET C 112 28.84 14.01 10.45
N GLU C 113 28.65 14.41 9.20
CA GLU C 113 28.32 15.79 8.85
C GLU C 113 27.05 16.27 9.57
N TYR C 114 27.12 17.41 10.28
CA TYR C 114 25.87 17.94 10.88
C TYR C 114 24.82 18.39 9.83
N VAL C 115 23.54 18.11 10.06
CA VAL C 115 22.49 18.55 9.11
C VAL C 115 21.33 19.30 9.77
N ASP C 116 21.30 20.62 9.59
CA ASP C 116 20.30 21.42 10.26
C ASP C 116 19.00 21.27 9.51
N GLY C 117 17.91 21.18 10.24
CA GLY C 117 16.63 21.04 9.59
C GLY C 117 15.85 19.89 10.14
N VAL C 118 15.16 19.17 9.26
CA VAL C 118 14.13 18.23 9.69
C VAL C 118 13.83 17.09 8.74
N THR C 119 13.40 15.97 9.34
CA THR C 119 13.15 14.72 8.63
C THR C 119 11.78 14.81 8.02
N LEU C 120 11.60 14.12 6.90
CA LEU C 120 10.30 14.05 6.26
C LEU C 120 9.22 13.68 7.25
N ARG C 121 9.55 12.77 8.17
CA ARG C 121 8.55 12.28 9.10
C ARG C 121 8.09 13.40 10.07
N ASP C 122 9.02 14.25 10.48
CA ASP C 122 8.70 15.49 11.20
C ASP C 122 7.78 16.34 10.33
N ILE C 123 8.01 16.32 9.01
CA ILE C 123 7.34 17.22 8.06
C ILE C 123 5.89 16.84 7.83
N VAL C 124 5.67 15.64 7.29
CA VAL C 124 4.30 15.15 7.11
C VAL C 124 3.57 15.23 8.45
N HIS C 125 4.30 15.11 9.55
CA HIS C 125 3.66 15.39 10.78
C HIS C 125 3.28 16.87 10.93
N THR C 126 4.21 17.83 10.91
CA THR C 126 3.79 19.22 11.23
C THR C 126 3.12 20.07 10.15
N GLU C 127 3.18 19.67 8.88
CA GLU C 127 2.32 20.32 7.87
C GLU C 127 1.27 19.42 7.25
N GLY C 128 1.68 18.20 6.95
CA GLY C 128 0.86 17.35 6.10
C GLY C 128 1.55 17.36 4.76
N PRO C 129 0.88 16.82 3.72
CA PRO C 129 1.50 16.40 2.45
C PRO C 129 2.22 17.55 1.74
N MET C 130 3.11 17.21 0.80
CA MET C 130 3.84 18.18 -0.03
C MET C 130 3.09 18.51 -1.30
N THR C 131 3.46 19.62 -1.94
CA THR C 131 3.06 19.82 -3.32
C THR C 131 3.76 18.75 -4.17
N PRO C 132 3.04 18.16 -5.16
CA PRO C 132 3.61 17.15 -6.05
C PRO C 132 4.97 17.58 -6.61
N LYS C 133 5.02 18.75 -7.26
CA LYS C 133 6.25 19.32 -7.80
C LYS C 133 7.34 19.09 -6.78
N ARG C 134 7.11 19.59 -5.57
CA ARG C 134 8.03 19.44 -4.44
C ARG C 134 8.43 18.00 -4.27
N ALA C 135 7.44 17.17 -3.99
CA ALA C 135 7.67 15.78 -3.68
C ALA C 135 8.54 15.11 -4.74
N ILE C 136 8.15 15.23 -6.01
CA ILE C 136 8.92 14.63 -7.09
C ILE C 136 10.40 14.96 -6.92
N GLU C 137 10.75 16.23 -6.88
CA GLU C 137 12.15 16.64 -6.79
C GLU C 137 12.86 15.94 -5.66
N VAL C 138 12.28 16.05 -4.47
CA VAL C 138 12.86 15.46 -3.28
C VAL C 138 13.25 14.03 -3.52
N ILE C 139 12.27 13.26 -4.00
CA ILE C 139 12.45 11.85 -4.22
C ILE C 139 13.41 11.53 -5.37
N ALA C 140 13.36 12.36 -6.42
CA ALA C 140 14.32 12.28 -7.52
C ALA C 140 15.73 12.44 -6.99
N ASP C 141 15.88 13.33 -6.01
CA ASP C 141 17.16 13.50 -5.35
C ASP C 141 17.49 12.25 -4.56
N ALA C 142 16.56 11.85 -3.69
CA ALA C 142 16.68 10.59 -2.99
C ALA C 142 17.17 9.49 -3.95
N CYS C 143 16.51 9.36 -5.10
CA CYS C 143 16.89 8.37 -6.09
C CYS C 143 18.38 8.43 -6.43
N GLN C 144 18.89 9.63 -6.70
CA GLN C 144 20.33 9.82 -6.99
C GLN C 144 21.11 9.07 -5.93
N ALA C 145 20.95 9.53 -4.69
CA ALA C 145 21.68 9.03 -3.56
C ALA C 145 21.70 7.53 -3.62
N LEU C 146 20.52 6.95 -3.71
CA LEU C 146 20.40 5.52 -3.68
C LEU C 146 21.14 4.86 -4.84
N ASN C 147 20.82 5.28 -6.06
CA ASN C 147 21.51 4.71 -7.22
C ASN C 147 23.01 4.72 -6.98
N PHE C 148 23.51 5.83 -6.44
CA PHE C 148 24.93 5.92 -6.05
C PHE C 148 25.28 4.79 -5.07
N SER C 149 24.54 4.71 -3.97
CA SER C 149 24.84 3.72 -2.96
C SER C 149 24.92 2.35 -3.60
N HIS C 150 23.92 2.04 -4.43
CA HIS C 150 23.85 0.77 -5.12
C HIS C 150 25.01 0.62 -6.09
N GLN C 151 25.33 1.70 -6.79
CA GLN C 151 26.49 1.76 -7.66
C GLN C 151 27.69 1.15 -6.97
N ASN C 152 27.77 1.37 -5.65
CA ASN C 152 28.93 0.96 -4.89
C ASN C 152 28.75 -0.36 -4.15
N GLY C 153 27.62 -1.00 -4.39
CA GLY C 153 27.36 -2.34 -3.86
C GLY C 153 26.74 -2.26 -2.48
N ILE C 154 26.20 -1.09 -2.16
CA ILE C 154 25.49 -0.93 -0.89
C ILE C 154 24.02 -0.70 -1.08
N ILE C 155 23.25 -1.58 -0.47
CA ILE C 155 21.81 -1.40 -0.32
C ILE C 155 21.59 -0.73 1.02
N HIS C 156 20.59 0.14 1.07
CA HIS C 156 20.37 0.98 2.23
C HIS C 156 19.64 0.23 3.30
N ARG C 157 18.68 -0.57 2.85
CA ARG C 157 17.95 -1.52 3.69
C ARG C 157 16.94 -0.88 4.67
N ASP C 158 16.97 0.43 4.85
CA ASP C 158 16.04 1.06 5.77
C ASP C 158 15.54 2.40 5.25
N VAL C 159 14.87 2.37 4.12
CA VAL C 159 14.39 3.62 3.57
C VAL C 159 13.08 3.99 4.24
N LYS C 160 13.07 5.14 4.87
CA LYS C 160 11.84 5.59 5.50
C LYS C 160 11.86 7.11 5.65
N PRO C 161 10.69 7.73 5.90
CA PRO C 161 10.61 9.18 6.04
C PRO C 161 11.54 9.74 7.12
N ALA C 162 11.79 9.00 8.18
CA ALA C 162 12.66 9.52 9.22
C ALA C 162 14.15 9.52 8.84
N ASN C 163 14.48 8.86 7.75
CA ASN C 163 15.89 8.78 7.36
C ASN C 163 16.19 9.58 6.12
N ILE C 164 15.26 10.47 5.80
CA ILE C 164 15.49 11.49 4.81
C ILE C 164 15.13 12.80 5.45
N MET C 165 16.08 13.72 5.45
CA MET C 165 15.78 15.05 5.87
C MET C 165 16.07 16.10 4.84
N ILE C 166 15.58 17.30 5.16
CA ILE C 166 15.77 18.47 4.35
C ILE C 166 16.53 19.52 5.13
N SER C 167 17.59 20.03 4.49
CA SER C 167 18.47 21.02 5.05
C SER C 167 17.75 22.35 5.31
N ALA C 168 18.39 23.20 6.12
CA ALA C 168 18.01 24.60 6.14
C ALA C 168 18.09 25.11 4.71
N THR C 169 19.29 25.04 4.12
CA THR C 169 19.54 25.49 2.74
C THR C 169 18.85 24.62 1.67
N ASN C 170 17.98 23.71 2.10
CA ASN C 170 17.09 22.95 1.22
C ASN C 170 17.63 21.81 0.39
N ALA C 171 18.71 21.21 0.85
CA ALA C 171 19.25 20.02 0.22
C ALA C 171 18.55 18.81 0.78
N VAL C 172 18.41 17.77 -0.03
CA VAL C 172 17.94 16.50 0.49
C VAL C 172 19.14 15.73 1.00
N LYS C 173 18.96 15.09 2.15
CA LYS C 173 20.03 14.31 2.79
C LYS C 173 19.46 13.02 3.32
N VAL C 174 20.20 11.95 3.11
CA VAL C 174 19.72 10.60 3.43
C VAL C 174 20.63 9.88 4.44
N MET C 175 20.19 9.68 5.67
CA MET C 175 21.10 9.12 6.64
C MET C 175 20.79 7.68 7.00
N ASP C 176 21.66 7.11 7.85
CA ASP C 176 21.49 5.79 8.49
C ASP C 176 21.44 4.57 7.55
N PHE C 177 22.56 3.86 7.43
CA PHE C 177 22.68 2.79 6.43
C PHE C 177 22.67 1.33 6.99
N ALA C 200 8.92 0.59 12.02
CA ALA C 200 9.04 0.63 10.57
C ALA C 200 8.00 -0.33 9.91
N GLN C 201 7.48 0.07 8.75
CA GLN C 201 6.57 -0.74 7.89
C GLN C 201 6.47 -0.03 6.49
N TYR C 202 7.63 0.52 6.11
CA TYR C 202 7.99 0.88 4.76
C TYR C 202 9.02 -0.15 4.33
N LEU C 203 9.06 -1.28 5.03
CA LEU C 203 9.85 -2.42 4.58
C LEU C 203 9.23 -3.08 3.34
N SER C 204 10.11 -3.60 2.50
CA SER C 204 9.71 -4.34 1.31
C SER C 204 8.93 -5.65 1.65
N PRO C 205 8.28 -6.26 0.64
CA PRO C 205 7.65 -7.57 0.81
C PRO C 205 8.66 -8.69 1.03
N GLU C 206 9.70 -8.74 0.20
CA GLU C 206 10.68 -9.81 0.28
C GLU C 206 11.56 -9.66 1.52
N GLN C 207 11.64 -8.43 2.02
CA GLN C 207 12.38 -8.14 3.24
C GLN C 207 11.58 -8.53 4.47
N ALA C 208 10.29 -8.25 4.41
CA ALA C 208 9.32 -8.67 5.43
C ALA C 208 9.42 -10.17 5.59
N ARG C 209 9.27 -10.94 4.51
CA ARG C 209 9.47 -12.39 4.60
C ARG C 209 10.92 -12.79 4.83
N GLY C 210 11.85 -11.85 4.63
CA GLY C 210 13.26 -12.12 4.82
C GLY C 210 13.77 -13.15 3.84
N ASP C 211 13.48 -12.89 2.54
CA ASP C 211 14.20 -13.48 1.40
C ASP C 211 15.42 -12.60 1.24
N SER C 212 16.12 -12.71 0.11
CA SER C 212 17.26 -11.80 -0.09
C SER C 212 16.81 -10.39 -0.50
N VAL C 213 17.68 -9.45 -0.15
CA VAL C 213 17.41 -8.03 -0.36
C VAL C 213 18.40 -7.45 -1.37
N ASP C 214 17.90 -6.51 -2.16
CA ASP C 214 18.58 -5.99 -3.34
C ASP C 214 18.11 -4.57 -3.64
N ALA C 215 18.71 -3.97 -4.66
CA ALA C 215 18.35 -2.61 -5.04
C ALA C 215 16.82 -2.49 -5.12
N ARG C 216 16.19 -3.48 -5.75
CA ARG C 216 14.75 -3.50 -5.87
C ARG C 216 14.04 -3.26 -4.53
N SER C 217 14.56 -3.88 -3.47
CA SER C 217 13.96 -3.73 -2.15
C SER C 217 13.93 -2.26 -1.74
N ASP C 218 15.08 -1.58 -1.85
CA ASP C 218 15.17 -0.14 -1.56
C ASP C 218 14.14 0.67 -2.35
N VAL C 219 14.08 0.42 -3.67
CA VAL C 219 13.12 1.07 -4.56
C VAL C 219 11.73 1.08 -3.94
N TYR C 220 11.29 -0.12 -3.56
CA TYR C 220 10.00 -0.32 -2.96
C TYR C 220 9.87 0.63 -1.77
N SER C 221 10.79 0.52 -0.82
CA SER C 221 10.77 1.35 0.37
C SER C 221 10.63 2.82 0.02
N LEU C 222 11.35 3.24 -1.01
CA LEU C 222 11.32 4.63 -1.42
C LEU C 222 9.94 4.96 -1.96
N GLY C 223 9.46 4.13 -2.90
CA GLY C 223 8.10 4.25 -3.39
C GLY C 223 7.16 4.52 -2.23
N CYS C 224 7.25 3.67 -1.19
CA CYS C 224 6.45 3.81 0.02
C CYS C 224 6.53 5.23 0.59
N VAL C 225 7.75 5.68 0.87
CA VAL C 225 7.91 7.02 1.41
C VAL C 225 7.26 8.06 0.48
N LEU C 226 7.33 7.81 -0.82
CA LEU C 226 6.78 8.73 -1.80
C LEU C 226 5.28 8.84 -1.63
N TYR C 227 4.62 7.69 -1.77
CA TYR C 227 3.20 7.57 -1.50
C TYR C 227 2.86 8.39 -0.25
N GLU C 228 3.66 8.20 0.80
CA GLU C 228 3.49 8.84 2.10
C GLU C 228 3.44 10.35 1.97
N VAL C 229 4.41 10.91 1.26
CA VAL C 229 4.45 12.37 1.16
C VAL C 229 3.34 12.90 0.29
N LEU C 230 2.95 12.09 -0.68
CA LEU C 230 1.89 12.48 -1.57
C LEU C 230 0.55 12.45 -0.86
N THR C 231 0.19 11.30 -0.33
CA THR C 231 -1.07 11.17 0.40
C THR C 231 -0.99 11.80 1.79
N GLY C 232 0.20 11.82 2.36
CA GLY C 232 0.35 12.24 3.74
C GLY C 232 0.10 11.07 4.68
N GLU C 233 0.15 9.84 4.16
CA GLU C 233 0.17 8.66 5.00
C GLU C 233 0.66 7.46 4.21
N PRO C 234 1.16 6.44 4.93
CA PRO C 234 1.81 5.30 4.27
C PRO C 234 0.82 4.50 3.46
N PRO C 235 1.33 3.71 2.49
CA PRO C 235 0.45 3.04 1.55
C PRO C 235 -0.40 2.02 2.25
N PHE C 236 0.24 1.28 3.15
CA PHE C 236 -0.51 0.34 3.91
C PHE C 236 -0.68 0.92 5.31
N THR C 237 -1.86 1.53 5.48
CA THR C 237 -2.44 2.01 6.73
C THR C 237 -2.13 1.12 7.94
N GLY C 238 -1.63 1.69 9.04
CA GLY C 238 -1.22 0.91 10.24
C GLY C 238 -2.30 0.28 11.15
N ASP C 239 -1.86 -0.37 12.24
CA ASP C 239 -2.68 -0.87 13.39
C ASP C 239 -1.83 -1.81 14.29
N SER C 240 -1.45 -2.98 13.76
CA SER C 240 -0.43 -3.81 14.37
C SER C 240 0.64 -3.95 13.31
N PRO C 241 1.75 -4.62 13.62
CA PRO C 241 2.70 -4.64 12.52
C PRO C 241 2.46 -5.82 11.56
N VAL C 242 2.15 -7.01 12.09
CA VAL C 242 1.91 -8.17 11.24
C VAL C 242 0.89 -7.83 10.16
N SER C 243 -0.12 -7.03 10.55
CA SER C 243 -1.20 -6.60 9.66
C SER C 243 -0.63 -5.70 8.58
N VAL C 244 0.21 -4.76 8.98
CA VAL C 244 0.84 -3.92 7.97
C VAL C 244 1.66 -4.79 7.04
N ALA C 245 2.32 -5.80 7.60
CA ALA C 245 3.13 -6.71 6.82
C ALA C 245 2.28 -7.53 5.84
N TYR C 246 1.18 -8.09 6.35
CA TYR C 246 0.29 -8.89 5.53
C TYR C 246 0.01 -8.12 4.26
N GLN C 247 -0.34 -6.86 4.47
CA GLN C 247 -0.74 -6.00 3.42
C GLN C 247 0.30 -5.97 2.32
N HIS C 248 1.56 -5.73 2.69
CA HIS C 248 2.64 -5.64 1.70
C HIS C 248 2.62 -6.89 0.83
N VAL C 249 2.76 -8.04 1.50
CA VAL C 249 2.92 -9.33 0.82
C VAL C 249 1.67 -9.75 0.07
N ARG C 250 0.50 -9.69 0.70
CA ARG C 250 -0.70 -10.20 0.04
C ARG C 250 -1.79 -9.21 -0.45
N GLU C 251 -1.82 -7.98 0.07
CA GLU C 251 -2.78 -6.99 -0.40
C GLU C 251 -2.18 -6.03 -1.42
N ASP C 252 -3.02 -5.54 -2.31
CA ASP C 252 -2.60 -4.60 -3.32
C ASP C 252 -2.67 -3.16 -2.85
N PRO C 253 -1.74 -2.32 -3.35
CA PRO C 253 -1.73 -0.91 -2.97
C PRO C 253 -2.92 -0.14 -3.57
N ILE C 254 -3.46 0.81 -2.83
CA ILE C 254 -4.50 1.67 -3.37
C ILE C 254 -3.91 2.83 -4.17
N PRO C 255 -4.40 3.03 -5.40
CA PRO C 255 -4.02 4.18 -6.20
C PRO C 255 -4.08 5.45 -5.38
N PRO C 256 -2.90 6.07 -5.15
CA PRO C 256 -2.67 7.21 -4.26
C PRO C 256 -3.57 8.42 -4.55
N SER C 257 -3.93 8.61 -5.82
CA SER C 257 -4.82 9.69 -6.25
C SER C 257 -6.20 9.51 -5.67
N ALA C 258 -6.58 8.26 -5.44
CA ALA C 258 -7.84 7.96 -4.81
C ALA C 258 -7.63 7.87 -3.31
N ARG C 259 -6.70 8.67 -2.82
CA ARG C 259 -6.49 8.88 -1.39
C ARG C 259 -6.27 10.39 -1.12
N HIS C 260 -5.85 11.10 -2.16
CA HIS C 260 -5.62 12.54 -2.14
C HIS C 260 -5.82 13.05 -3.59
N GLU C 261 -6.71 14.01 -3.79
CA GLU C 261 -6.99 14.58 -5.13
C GLU C 261 -5.74 15.23 -5.81
N GLY C 262 -5.90 15.57 -7.10
CA GLY C 262 -4.87 16.30 -7.84
C GLY C 262 -3.57 15.54 -8.01
N LEU C 263 -3.70 14.23 -8.20
CA LEU C 263 -2.54 13.40 -8.48
C LEU C 263 -2.69 12.74 -9.83
N SER C 264 -1.65 12.92 -10.64
CA SER C 264 -1.64 12.56 -12.07
C SER C 264 -1.86 11.08 -12.39
N ALA C 265 -2.34 10.84 -13.62
CA ALA C 265 -2.52 9.49 -14.16
C ALA C 265 -1.19 8.72 -14.28
N ASP C 266 -0.19 9.32 -14.93
CA ASP C 266 1.11 8.65 -15.09
C ASP C 266 2.01 8.76 -13.86
N LEU C 267 1.61 9.63 -12.94
CA LEU C 267 2.25 9.73 -11.62
C LEU C 267 1.91 8.51 -10.79
N ASP C 268 0.64 8.13 -10.77
CA ASP C 268 0.23 6.90 -10.12
C ASP C 268 0.92 5.72 -10.75
N ALA C 269 0.96 5.71 -12.09
CA ALA C 269 1.73 4.71 -12.83
C ALA C 269 3.10 4.49 -12.16
N VAL C 270 3.84 5.57 -11.93
CA VAL C 270 5.19 5.49 -11.31
C VAL C 270 5.17 5.02 -9.85
N VAL C 271 4.31 5.62 -9.01
CA VAL C 271 4.16 5.18 -7.60
C VAL C 271 3.90 3.69 -7.54
N LEU C 272 2.87 3.25 -8.24
CA LEU C 272 2.48 1.86 -8.25
C LEU C 272 3.57 0.92 -8.78
N LYS C 273 4.34 1.37 -9.79
CA LYS C 273 5.45 0.57 -10.35
C LYS C 273 6.43 0.22 -9.26
N ALA C 274 6.69 1.20 -8.41
CA ALA C 274 7.59 1.02 -7.30
C ALA C 274 7.05 0.01 -6.31
N LEU C 275 5.76 0.07 -6.01
CA LEU C 275 5.19 -0.80 -4.99
C LEU C 275 4.68 -2.10 -5.55
N ALA C 276 5.20 -2.47 -6.73
CA ALA C 276 4.81 -3.71 -7.39
C ALA C 276 5.30 -4.87 -6.51
N LYS C 277 4.41 -5.84 -6.32
CA LYS C 277 4.69 -6.93 -5.41
C LYS C 277 5.90 -7.72 -5.90
N ASN C 278 5.89 -8.14 -7.16
CA ASN C 278 7.08 -8.80 -7.67
C ASN C 278 8.14 -7.80 -8.07
N PRO C 279 9.43 -8.11 -7.74
CA PRO C 279 10.59 -7.24 -8.04
C PRO C 279 10.85 -6.91 -9.53
N GLU C 280 10.58 -7.87 -10.43
CA GLU C 280 10.76 -7.68 -11.88
C GLU C 280 9.79 -6.63 -12.44
N ASN C 281 8.65 -6.50 -11.78
CA ASN C 281 7.63 -5.56 -12.18
C ASN C 281 7.89 -4.14 -11.58
N ARG C 282 8.85 -4.05 -10.67
CA ARG C 282 9.35 -2.77 -10.11
C ARG C 282 10.32 -2.08 -11.06
N TYR C 283 10.77 -0.86 -10.71
CA TYR C 283 11.94 -0.26 -11.37
C TYR C 283 13.15 -1.05 -10.95
N GLN C 284 14.14 -1.17 -11.82
CA GLN C 284 15.33 -1.95 -11.47
C GLN C 284 16.52 -1.11 -10.93
N THR C 285 16.49 0.19 -11.18
CA THR C 285 17.39 1.08 -10.50
C THR C 285 16.61 2.29 -10.05
N ALA C 286 17.18 2.99 -9.08
CA ALA C 286 16.69 4.30 -8.68
C ALA C 286 16.72 5.27 -9.87
N ALA C 287 17.76 5.16 -10.70
CA ALA C 287 17.93 5.96 -11.91
C ALA C 287 16.73 5.76 -12.81
N GLU C 288 16.46 4.50 -13.10
CA GLU C 288 15.29 4.04 -13.83
C GLU C 288 13.98 4.61 -13.31
N MET C 289 13.86 4.63 -11.99
CA MET C 289 12.72 5.21 -11.35
C MET C 289 12.65 6.71 -11.56
N ARG C 290 13.68 7.41 -11.11
CA ARG C 290 13.80 8.85 -11.29
C ARG C 290 13.55 9.22 -12.74
N ALA C 291 14.09 8.39 -13.63
CA ALA C 291 13.82 8.52 -15.07
C ALA C 291 12.36 8.85 -15.23
N ASP C 292 11.50 7.89 -14.87
CA ASP C 292 10.06 8.08 -14.93
C ASP C 292 9.54 9.25 -14.12
N LEU C 293 10.12 9.50 -12.95
CA LEU C 293 9.69 10.63 -12.12
C LEU C 293 9.86 11.97 -12.81
N VAL C 294 11.00 12.19 -13.42
CA VAL C 294 11.22 13.45 -14.09
C VAL C 294 10.59 13.39 -15.47
N ARG C 295 10.42 12.18 -15.99
CA ARG C 295 9.64 11.97 -17.22
C ARG C 295 8.16 12.31 -16.98
N VAL C 296 7.81 12.55 -15.71
CA VAL C 296 6.45 12.93 -15.34
C VAL C 296 6.38 14.43 -15.04
N HIS C 297 7.54 15.01 -14.68
CA HIS C 297 7.78 16.46 -14.59
C HIS C 297 7.21 17.29 -15.78
N ASN C 298 6.29 16.70 -16.54
CA ASN C 298 5.54 17.35 -17.65
C ASN C 298 4.36 16.49 -18.14
N THR D 23 61.57 12.20 5.34
CA THR D 23 60.09 12.26 5.05
C THR D 23 59.30 10.99 5.53
N PRO D 24 58.02 11.17 5.95
CA PRO D 24 57.28 10.31 6.92
C PRO D 24 56.47 9.12 6.37
N SER D 25 56.07 8.20 7.25
CA SER D 25 55.51 6.91 6.83
C SER D 25 54.01 6.69 7.07
N HIS D 26 53.66 6.55 8.34
CA HIS D 26 52.29 6.22 8.80
C HIS D 26 51.83 7.20 9.88
N LEU D 27 50.79 7.98 9.59
CA LEU D 27 50.43 9.12 10.46
C LEU D 27 49.42 8.76 11.58
N SER D 28 49.79 9.07 12.83
CA SER D 28 49.06 8.59 14.03
C SER D 28 48.67 7.12 13.81
N ASP D 29 49.60 6.35 13.21
CA ASP D 29 49.38 4.94 12.92
C ASP D 29 48.19 4.57 12.03
N ARG D 30 47.30 5.52 11.74
CA ARG D 30 46.01 5.24 11.04
C ARG D 30 45.98 5.54 9.54
N TYR D 31 46.41 6.76 9.19
CA TYR D 31 46.40 7.22 7.82
C TYR D 31 47.69 6.80 7.07
N GLU D 32 47.56 5.83 6.18
CA GLU D 32 48.69 5.27 5.43
C GLU D 32 49.07 6.22 4.29
N LEU D 33 50.28 6.79 4.34
CA LEU D 33 50.74 7.76 3.35
C LEU D 33 50.94 7.21 1.93
N GLY D 34 50.06 7.63 1.02
CA GLY D 34 50.20 7.29 -0.40
C GLY D 34 51.21 8.20 -1.08
N GLU D 35 50.82 8.76 -2.22
CA GLU D 35 51.74 9.52 -3.08
C GLU D 35 51.35 10.98 -3.20
N ILE D 36 52.29 11.78 -3.71
CA ILE D 36 52.15 13.23 -3.71
C ILE D 36 51.23 13.68 -4.85
N LEU D 37 50.26 14.53 -4.52
CA LEU D 37 49.32 15.08 -5.48
C LEU D 37 49.69 16.50 -5.88
N GLY D 38 49.88 17.38 -4.90
CA GLY D 38 50.21 18.77 -5.19
C GLY D 38 51.16 19.42 -4.21
N PHE D 39 51.97 20.33 -4.72
CA PHE D 39 52.78 21.20 -3.90
C PHE D 39 51.89 22.31 -3.26
N GLY D 40 52.54 23.40 -2.84
CA GLY D 40 51.92 24.61 -2.27
C GLY D 40 52.62 25.26 -1.07
N GLY D 41 53.82 25.82 -1.29
CA GLY D 41 54.56 26.65 -0.30
C GLY D 41 55.09 25.96 0.95
N MET D 42 54.19 25.26 1.64
CA MET D 42 54.45 24.58 2.90
C MET D 42 53.83 23.21 2.85
N SER D 43 52.57 23.20 2.46
CA SER D 43 51.77 22.00 2.43
C SER D 43 52.13 21.11 1.24
N GLU D 44 52.31 19.81 1.50
CA GLU D 44 52.37 18.81 0.44
C GLU D 44 51.19 17.86 0.57
N VAL D 45 50.49 17.65 -0.54
CA VAL D 45 49.21 16.94 -0.59
C VAL D 45 49.43 15.49 -1.05
N HIS D 46 48.96 14.52 -0.27
CA HIS D 46 49.11 13.11 -0.61
C HIS D 46 47.79 12.39 -0.76
N LEU D 47 47.75 11.43 -1.68
CA LEU D 47 46.74 10.36 -1.68
C LEU D 47 47.05 9.50 -0.47
N ALA D 48 46.03 8.85 0.09
CA ALA D 48 46.20 8.10 1.33
C ALA D 48 45.02 7.17 1.60
N ARG D 49 45.29 6.12 2.37
CA ARG D 49 44.26 5.19 2.77
C ARG D 49 44.04 5.40 4.25
N ASP D 50 42.84 5.85 4.60
CA ASP D 50 42.41 5.94 6.00
C ASP D 50 42.13 4.53 6.47
N LEU D 51 43.12 3.89 7.09
CA LEU D 51 43.06 2.45 7.28
C LEU D 51 42.09 2.02 8.38
N ARG D 52 41.49 2.98 9.07
CA ARG D 52 40.41 2.71 10.02
C ARG D 52 39.04 2.68 9.34
N LEU D 53 38.77 3.64 8.46
CA LEU D 53 37.48 3.73 7.78
C LEU D 53 37.46 3.02 6.43
N HIS D 54 38.58 2.43 6.06
CA HIS D 54 38.78 1.87 4.73
C HIS D 54 38.17 2.70 3.62
N ARG D 55 38.79 3.85 3.37
CA ARG D 55 38.56 4.61 2.16
C ARG D 55 39.75 5.51 1.87
N ASP D 56 39.74 6.12 0.70
CA ASP D 56 40.86 6.94 0.26
C ASP D 56 40.62 8.41 0.58
N VAL D 57 41.68 9.08 1.01
CA VAL D 57 41.55 10.47 1.38
C VAL D 57 42.80 11.24 1.03
N ALA D 58 42.62 12.55 0.93
CA ALA D 58 43.72 13.45 0.67
C ALA D 58 44.22 14.01 2.00
N VAL D 59 45.55 13.97 2.17
CA VAL D 59 46.20 14.49 3.37
C VAL D 59 47.21 15.61 3.07
N LYS D 60 47.03 16.72 3.76
CA LYS D 60 47.87 17.91 3.62
C LYS D 60 48.82 17.91 4.79
N VAL D 61 50.13 17.86 4.51
CA VAL D 61 51.16 17.83 5.54
C VAL D 61 52.09 19.04 5.45
N LEU D 62 52.52 19.53 6.61
CA LEU D 62 53.48 20.61 6.68
C LEU D 62 54.87 20.19 6.17
N ARG D 63 55.71 21.17 5.82
CA ARG D 63 57.05 20.86 5.31
C ARG D 63 57.96 20.15 6.31
N ALA D 64 57.58 20.17 7.61
CA ALA D 64 58.30 19.49 8.73
C ALA D 64 59.37 20.34 9.46
N ASP D 65 60.13 21.11 8.69
CA ASP D 65 61.03 22.13 9.22
C ASP D 65 60.18 23.27 9.75
N LEU D 66 59.14 23.58 8.99
CA LEU D 66 58.16 24.63 9.30
C LEU D 66 57.17 24.16 10.39
N ALA D 67 57.25 22.87 10.74
CA ALA D 67 56.35 22.25 11.73
C ALA D 67 56.68 22.67 13.17
N ARG D 68 57.96 22.60 13.49
CA ARG D 68 58.43 22.98 14.78
C ARG D 68 58.56 24.50 14.91
N ASP D 69 58.46 25.21 13.80
CA ASP D 69 58.28 26.66 13.90
C ASP D 69 56.78 26.94 14.14
N PRO D 70 56.47 27.59 15.28
CA PRO D 70 55.08 27.80 15.73
C PRO D 70 54.30 28.76 14.82
N SER D 71 54.98 29.85 14.44
CA SER D 71 54.45 30.89 13.55
C SER D 71 53.69 30.27 12.37
N PHE D 72 54.40 29.46 11.57
CA PHE D 72 53.81 28.79 10.41
C PHE D 72 52.72 27.81 10.89
N TYR D 73 52.89 27.23 12.10
CA TYR D 73 51.97 26.19 12.59
C TYR D 73 50.50 26.60 12.85
N LEU D 74 50.31 27.69 13.60
CA LEU D 74 48.97 28.09 14.02
C LEU D 74 48.12 28.43 12.82
N ARG D 75 48.79 28.97 11.79
CA ARG D 75 48.20 29.20 10.47
C ARG D 75 47.69 27.89 9.84
N PHE D 76 48.48 26.83 10.00
CA PHE D 76 48.12 25.51 9.55
C PHE D 76 46.93 25.01 10.38
N ARG D 77 47.12 25.00 11.70
CA ARG D 77 46.06 24.66 12.63
C ARG D 77 44.78 25.33 12.18
N ARG D 78 44.83 26.66 12.01
CA ARG D 78 43.63 27.44 11.71
C ARG D 78 43.08 27.13 10.34
N GLU D 79 43.96 27.15 9.33
CA GLU D 79 43.50 26.93 7.98
C GLU D 79 42.54 25.76 7.95
N ALA D 80 42.92 24.69 8.66
CA ALA D 80 42.08 23.51 8.78
C ALA D 80 40.71 23.84 9.36
N GLN D 81 40.73 24.56 10.47
CA GLN D 81 39.55 24.86 11.27
C GLN D 81 38.54 25.60 10.45
N ASN D 82 39.05 26.44 9.57
CA ASN D 82 38.18 27.36 8.89
C ASN D 82 37.51 26.67 7.69
N ALA D 83 38.27 25.86 6.95
CA ALA D 83 37.70 25.04 5.89
C ALA D 83 36.71 24.02 6.45
N ALA D 84 36.87 23.69 7.73
CA ALA D 84 35.95 22.81 8.44
C ALA D 84 34.58 23.40 8.49
N ALA D 85 34.52 24.65 8.89
CA ALA D 85 33.28 25.39 8.94
C ALA D 85 32.66 25.62 7.55
N LEU D 86 33.13 24.88 6.54
CA LEU D 86 32.53 24.92 5.19
C LEU D 86 32.11 23.54 4.63
N ASN D 87 30.79 23.37 4.49
CA ASN D 87 30.17 22.11 4.09
C ASN D 87 29.34 22.31 2.81
N HIS D 88 29.99 22.16 1.66
CA HIS D 88 29.40 22.46 0.37
C HIS D 88 29.93 21.51 -0.67
N PRO D 89 29.05 21.04 -1.56
CA PRO D 89 29.45 20.04 -2.53
C PRO D 89 30.38 20.57 -3.63
N ALA D 90 30.63 21.87 -3.68
CA ALA D 90 31.56 22.42 -4.66
C ALA D 90 32.89 22.78 -4.02
N ILE D 91 32.91 22.67 -2.68
CA ILE D 91 34.06 22.94 -1.83
C ILE D 91 34.54 21.65 -1.17
N VAL D 92 35.82 21.32 -1.40
CA VAL D 92 36.44 20.14 -0.80
C VAL D 92 36.25 20.19 0.72
N ALA D 93 35.73 19.12 1.34
CA ALA D 93 35.51 19.15 2.79
C ALA D 93 36.61 18.43 3.55
N VAL D 94 36.67 18.72 4.85
CA VAL D 94 37.71 18.19 5.72
C VAL D 94 37.17 17.20 6.70
N TYR D 95 37.88 16.10 6.83
CA TYR D 95 37.41 15.04 7.68
C TYR D 95 38.01 15.12 9.05
N ASP D 96 39.30 15.41 9.08
CA ASP D 96 40.09 15.30 10.31
C ASP D 96 41.39 16.11 10.25
N THR D 97 42.02 16.27 11.41
CA THR D 97 43.32 16.94 11.55
C THR D 97 44.01 16.54 12.85
N GLY D 98 45.33 16.57 12.84
CA GLY D 98 46.07 16.25 14.04
C GLY D 98 47.57 16.30 13.93
N GLU D 99 48.24 15.59 14.83
CA GLU D 99 49.69 15.66 14.93
C GLU D 99 50.41 14.32 15.12
N ALA D 100 51.04 13.85 14.05
CA ALA D 100 51.83 12.64 14.13
C ALA D 100 53.18 12.96 14.76
N GLU D 101 53.38 12.51 16.00
CA GLU D 101 54.62 12.82 16.70
C GLU D 101 55.76 11.98 16.14
N THR D 102 56.42 12.46 15.07
CA THR D 102 57.59 11.75 14.50
C THR D 102 58.83 11.90 15.38
N PRO D 103 59.90 11.13 15.07
CA PRO D 103 61.21 11.39 15.67
C PRO D 103 61.76 12.80 15.38
N ALA D 104 61.38 13.38 14.24
CA ALA D 104 61.76 14.75 13.87
C ALA D 104 61.14 15.82 14.79
N GLY D 105 59.94 15.52 15.29
CA GLY D 105 59.19 16.40 16.17
C GLY D 105 57.68 16.22 15.99
N PRO D 106 56.91 17.30 16.20
CA PRO D 106 55.49 17.17 15.91
C PRO D 106 55.25 17.46 14.43
N LEU D 107 54.43 16.63 13.79
CA LEU D 107 54.10 16.80 12.36
C LEU D 107 52.57 16.92 12.12
N PRO D 108 52.11 18.11 11.69
CA PRO D 108 50.70 18.36 11.50
C PRO D 108 50.23 18.05 10.10
N TYR D 109 48.99 17.58 10.02
CA TYR D 109 48.37 17.14 8.78
C TYR D 109 46.87 17.44 8.76
N ILE D 110 46.33 17.53 7.56
CA ILE D 110 44.89 17.60 7.37
C ILE D 110 44.42 16.42 6.54
N VAL D 111 43.27 15.88 6.91
CA VAL D 111 42.63 14.83 6.18
C VAL D 111 41.42 15.44 5.52
N MET D 112 41.48 15.62 4.20
CA MET D 112 40.29 16.07 3.48
C MET D 112 39.78 15.00 2.47
N GLU D 113 38.57 15.19 1.93
CA GLU D 113 38.02 14.27 0.92
C GLU D 113 38.90 14.12 -0.31
N TYR D 114 39.17 12.89 -0.71
CA TYR D 114 39.98 12.70 -1.92
C TYR D 114 39.20 13.08 -3.17
N VAL D 115 39.90 13.69 -4.15
CA VAL D 115 39.30 14.11 -5.42
C VAL D 115 40.09 13.59 -6.63
N ASP D 116 39.54 12.58 -7.31
CA ASP D 116 40.19 12.07 -8.52
C ASP D 116 39.94 13.01 -9.69
N GLY D 117 40.95 13.16 -10.54
CA GLY D 117 40.85 14.06 -11.68
C GLY D 117 41.97 15.09 -11.69
N VAL D 118 41.70 16.28 -12.20
CA VAL D 118 42.73 17.32 -12.30
C VAL D 118 42.21 18.76 -12.27
N THR D 119 43.15 19.67 -11.98
CA THR D 119 42.89 21.11 -11.86
C THR D 119 42.83 21.79 -13.21
N LEU D 120 42.08 22.87 -13.28
CA LEU D 120 41.97 23.68 -14.49
C LEU D 120 43.33 24.00 -15.08
N ARG D 121 44.28 24.29 -14.19
CA ARG D 121 45.64 24.65 -14.56
C ARG D 121 46.31 23.58 -15.45
N ASP D 122 46.16 22.30 -15.07
CA ASP D 122 46.66 21.20 -15.90
C ASP D 122 45.76 20.95 -17.11
N ILE D 123 44.54 21.46 -17.08
CA ILE D 123 43.62 21.36 -18.21
C ILE D 123 43.92 22.36 -19.33
N VAL D 124 43.90 23.66 -19.01
CA VAL D 124 44.40 24.71 -19.92
C VAL D 124 45.76 24.29 -20.50
N HIS D 125 46.57 23.68 -19.63
CA HIS D 125 47.82 23.07 -20.04
C HIS D 125 47.59 21.99 -21.10
N THR D 126 46.98 20.86 -20.72
CA THR D 126 46.98 19.65 -21.57
C THR D 126 46.01 19.66 -22.77
N GLU D 127 45.02 20.56 -22.77
CA GLU D 127 44.12 20.69 -23.92
C GLU D 127 44.16 22.08 -24.55
N GLY D 128 44.14 23.09 -23.69
CA GLY D 128 43.85 24.44 -24.12
C GLY D 128 42.43 24.75 -23.70
N PRO D 129 41.90 25.93 -24.07
CA PRO D 129 40.63 26.46 -23.58
C PRO D 129 39.43 25.50 -23.67
N MET D 130 38.37 25.78 -22.93
CA MET D 130 37.16 24.96 -23.04
C MET D 130 36.07 25.64 -23.88
N THR D 131 35.08 24.86 -24.30
CA THR D 131 33.91 25.43 -24.95
C THR D 131 33.22 26.34 -23.95
N PRO D 132 32.74 27.49 -24.43
CA PRO D 132 32.08 28.50 -23.62
C PRO D 132 31.04 27.93 -22.63
N LYS D 133 30.01 27.24 -23.14
CA LYS D 133 28.94 26.72 -22.25
C LYS D 133 29.42 25.58 -21.33
N ARG D 134 30.62 25.07 -21.60
CA ARG D 134 31.36 24.28 -20.65
C ARG D 134 31.85 25.23 -19.57
N ALA D 135 32.57 26.27 -20.00
CA ALA D 135 33.19 27.25 -19.11
C ALA D 135 32.20 27.96 -18.19
N ILE D 136 31.12 28.50 -18.76
CA ILE D 136 30.08 29.13 -17.91
C ILE D 136 29.74 28.20 -16.74
N GLU D 137 29.28 26.98 -17.09
CA GLU D 137 28.86 25.97 -16.12
C GLU D 137 29.86 25.87 -14.95
N VAL D 138 31.10 25.53 -15.27
CA VAL D 138 32.17 25.35 -14.31
C VAL D 138 32.29 26.54 -13.33
N ILE D 139 32.33 27.74 -13.88
CA ILE D 139 32.45 28.96 -13.05
C ILE D 139 31.20 29.27 -12.27
N ALA D 140 30.03 29.11 -12.90
CA ALA D 140 28.77 29.30 -12.17
C ALA D 140 28.73 28.39 -10.93
N ASP D 141 29.31 27.20 -11.06
CA ASP D 141 29.45 26.31 -9.91
C ASP D 141 30.45 26.88 -8.93
N ALA D 142 31.64 27.20 -9.44
CA ALA D 142 32.63 27.91 -8.64
C ALA D 142 31.93 29.04 -7.88
N CYS D 143 31.12 29.83 -8.58
CA CYS D 143 30.37 30.95 -7.97
C CYS D 143 29.57 30.53 -6.74
N GLN D 144 28.77 29.48 -6.87
CA GLN D 144 28.04 29.00 -5.71
C GLN D 144 28.95 28.78 -4.52
N ALA D 145 29.98 27.95 -4.72
CA ALA D 145 30.98 27.61 -3.70
C ALA D 145 31.42 28.86 -2.98
N LEU D 146 31.88 29.83 -3.76
CA LEU D 146 32.34 31.07 -3.21
C LEU D 146 31.28 31.80 -2.44
N ASN D 147 30.15 32.06 -3.09
CA ASN D 147 29.05 32.74 -2.42
C ASN D 147 28.73 32.10 -1.08
N PHE D 148 28.68 30.77 -1.07
CA PHE D 148 28.55 30.02 0.15
C PHE D 148 29.62 30.44 1.15
N SER D 149 30.89 30.31 0.76
CA SER D 149 32.03 30.64 1.61
C SER D 149 31.83 32.00 2.27
N HIS D 150 31.51 32.98 1.42
CA HIS D 150 31.25 34.33 1.85
C HIS D 150 30.07 34.42 2.77
N GLN D 151 29.00 33.72 2.45
CA GLN D 151 27.86 33.74 3.34
C GLN D 151 28.27 33.39 4.76
N ASN D 152 29.35 32.61 4.88
CA ASN D 152 29.82 32.20 6.19
C ASN D 152 30.94 33.06 6.75
N GLY D 153 31.26 34.13 6.06
CA GLY D 153 32.26 35.05 6.56
C GLY D 153 33.66 34.62 6.19
N ILE D 154 33.77 33.74 5.20
CA ILE D 154 35.08 33.32 4.71
C ILE D 154 35.33 33.79 3.29
N ILE D 155 36.41 34.56 3.14
CA ILE D 155 36.95 34.93 1.86
C ILE D 155 38.03 33.93 1.50
N HIS D 156 38.10 33.54 0.23
CA HIS D 156 38.98 32.46 -0.18
C HIS D 156 40.41 32.92 -0.35
N ARG D 157 40.50 34.15 -0.86
CA ARG D 157 41.73 34.91 -0.99
C ARG D 157 42.74 34.30 -1.94
N ASP D 158 42.48 33.10 -2.45
CA ASP D 158 43.41 32.57 -3.43
C ASP D 158 42.74 31.86 -4.58
N VAL D 159 41.93 32.58 -5.31
CA VAL D 159 41.22 31.97 -6.42
C VAL D 159 42.15 31.88 -7.62
N LYS D 160 42.42 30.66 -8.06
CA LYS D 160 43.25 30.46 -9.24
C LYS D 160 42.93 29.13 -9.88
N PRO D 161 43.28 28.98 -11.17
CA PRO D 161 43.12 27.75 -11.93
C PRO D 161 43.62 26.50 -11.21
N ALA D 162 44.71 26.62 -10.45
CA ALA D 162 45.27 25.50 -9.71
C ALA D 162 44.41 25.06 -8.50
N ASN D 163 43.51 25.96 -8.08
CA ASN D 163 42.69 25.77 -6.87
C ASN D 163 41.26 25.31 -7.17
N ILE D 164 40.99 25.08 -8.46
CA ILE D 164 39.72 24.52 -8.93
C ILE D 164 40.02 23.27 -9.75
N MET D 165 39.43 22.15 -9.35
CA MET D 165 39.59 20.92 -10.12
C MET D 165 38.24 20.31 -10.50
N ILE D 166 38.27 19.42 -11.48
CA ILE D 166 37.06 18.68 -11.82
C ILE D 166 37.25 17.19 -11.57
N SER D 167 36.22 16.59 -10.98
CA SER D 167 36.25 15.18 -10.62
C SER D 167 36.23 14.27 -11.86
N ALA D 168 36.54 13.01 -11.64
CA ALA D 168 36.27 11.98 -12.62
C ALA D 168 34.78 12.10 -12.99
N THR D 169 33.92 11.98 -11.97
CA THR D 169 32.45 12.08 -12.11
C THR D 169 31.95 13.48 -12.54
N ASN D 170 32.87 14.39 -12.83
CA ASN D 170 32.59 15.69 -13.49
C ASN D 170 32.07 16.83 -12.60
N ALA D 171 32.25 16.72 -11.29
CA ALA D 171 31.84 17.80 -10.40
C ALA D 171 32.95 18.81 -10.26
N VAL D 172 32.58 20.08 -10.04
CA VAL D 172 33.53 21.14 -9.74
C VAL D 172 33.87 21.07 -8.25
N LYS D 173 35.13 21.24 -7.94
CA LYS D 173 35.61 21.21 -6.56
C LYS D 173 36.69 22.26 -6.34
N VAL D 174 36.54 23.01 -5.27
CA VAL D 174 37.35 24.20 -5.04
C VAL D 174 38.16 24.05 -3.77
N MET D 175 39.47 23.88 -3.86
CA MET D 175 40.25 23.66 -2.62
C MET D 175 41.11 24.83 -2.14
N ASP D 176 41.80 24.61 -1.00
CA ASP D 176 42.80 25.54 -0.41
C ASP D 176 42.28 26.96 -0.04
N PHE D 177 41.90 27.19 1.22
CA PHE D 177 41.27 28.49 1.57
C PHE D 177 42.12 29.65 2.22
N GLY D 178 43.11 30.16 1.48
CA GLY D 178 43.86 31.42 1.79
C GLY D 178 44.60 31.63 3.11
N ILE D 179 45.22 32.83 3.24
CA ILE D 179 46.02 33.29 4.46
C ILE D 179 45.35 32.99 5.80
N ILE D 197 61.12 30.74 -8.68
CA ILE D 197 60.95 32.11 -9.16
C ILE D 197 59.69 32.25 -10.07
N GLY D 198 58.52 31.83 -9.56
CA GLY D 198 57.33 31.79 -10.42
C GLY D 198 56.04 32.00 -9.66
N THR D 199 55.28 33.03 -10.04
CA THR D 199 54.27 33.62 -9.14
C THR D 199 52.78 33.61 -9.60
N ALA D 200 51.87 33.27 -8.64
CA ALA D 200 50.43 33.60 -8.71
C ALA D 200 50.25 35.05 -9.17
N GLN D 201 49.27 35.28 -10.03
CA GLN D 201 49.04 36.59 -10.64
C GLN D 201 47.61 36.70 -11.17
N TYR D 202 46.72 35.99 -10.50
CA TYR D 202 45.28 36.15 -10.61
C TYR D 202 44.81 36.86 -9.35
N LEU D 203 45.79 37.52 -8.71
CA LEU D 203 45.63 38.38 -7.56
C LEU D 203 44.76 39.59 -7.96
N SER D 204 43.88 40.01 -7.06
CA SER D 204 43.08 41.23 -7.23
C SER D 204 44.00 42.47 -7.18
N PRO D 205 43.51 43.65 -7.61
CA PRO D 205 44.33 44.87 -7.51
C PRO D 205 44.50 45.45 -6.10
N GLU D 206 43.45 45.43 -5.27
CA GLU D 206 43.54 45.94 -3.91
C GLU D 206 44.30 44.95 -3.03
N GLN D 207 44.25 43.67 -3.41
CA GLN D 207 45.02 42.61 -2.79
C GLN D 207 46.52 42.77 -3.05
N ALA D 208 46.85 43.00 -4.33
CA ALA D 208 48.20 43.31 -4.80
C ALA D 208 48.73 44.46 -3.98
N ARG D 209 47.98 45.56 -3.96
CA ARG D 209 48.26 46.74 -3.14
C ARG D 209 48.31 46.37 -1.65
N GLY D 210 47.57 45.34 -1.27
CA GLY D 210 47.45 44.96 0.12
C GLY D 210 46.68 46.00 0.93
N ASP D 211 45.57 46.50 0.38
CA ASP D 211 44.53 47.21 1.16
C ASP D 211 43.67 46.13 1.82
N SER D 212 42.40 46.44 2.08
CA SER D 212 41.46 45.43 2.64
C SER D 212 40.86 44.50 1.58
N VAL D 213 40.69 43.24 1.96
CA VAL D 213 40.23 42.24 1.04
C VAL D 213 38.79 41.84 1.40
N ASP D 214 37.97 41.61 0.39
CA ASP D 214 36.57 41.31 0.61
C ASP D 214 36.00 40.42 -0.50
N ALA D 215 34.69 40.14 -0.43
CA ALA D 215 34.04 39.24 -1.38
C ALA D 215 34.40 39.65 -2.80
N ARG D 216 34.37 40.95 -3.01
CA ARG D 216 34.73 41.52 -4.29
C ARG D 216 36.09 41.05 -4.80
N SER D 217 37.08 40.95 -3.93
CA SER D 217 38.40 40.52 -4.37
C SER D 217 38.39 39.12 -4.96
N ASP D 218 37.67 38.21 -4.29
CA ASP D 218 37.49 36.84 -4.76
C ASP D 218 36.88 36.81 -6.16
N VAL D 219 35.80 37.57 -6.32
CA VAL D 219 35.13 37.77 -7.61
C VAL D 219 36.10 38.04 -8.75
N TYR D 220 36.90 39.09 -8.57
CA TYR D 220 37.91 39.49 -9.51
C TYR D 220 38.76 38.28 -9.89
N SER D 221 39.41 37.70 -8.89
CA SER D 221 40.27 36.53 -9.09
C SER D 221 39.56 35.44 -9.91
N LEU D 222 38.30 35.19 -9.57
CA LEU D 222 37.47 34.26 -10.31
C LEU D 222 37.40 34.73 -11.76
N GLY D 223 36.94 35.98 -11.91
CA GLY D 223 36.92 36.61 -13.21
C GLY D 223 38.17 36.24 -13.97
N CYS D 224 39.32 36.44 -13.32
CA CYS D 224 40.58 36.15 -13.97
C CYS D 224 40.61 34.71 -14.43
N VAL D 225 40.30 33.78 -13.52
CA VAL D 225 40.26 32.36 -13.84
C VAL D 225 39.41 32.14 -15.07
N LEU D 226 38.31 32.85 -15.12
CA LEU D 226 37.37 32.75 -16.22
C LEU D 226 38.00 33.13 -17.57
N TYR D 227 38.34 34.40 -17.68
CA TYR D 227 39.07 34.91 -18.81
C TYR D 227 40.05 33.84 -19.28
N GLU D 228 40.83 33.31 -18.34
CA GLU D 228 41.89 32.35 -18.62
C GLU D 228 41.34 31.11 -19.33
N VAL D 229 40.21 30.61 -18.85
CA VAL D 229 39.63 29.38 -19.38
C VAL D 229 39.10 29.63 -20.78
N LEU D 230 38.59 30.85 -20.96
CA LEU D 230 38.00 31.24 -22.23
C LEU D 230 39.08 31.49 -23.27
N THR D 231 40.04 32.34 -22.89
CA THR D 231 41.13 32.69 -23.77
C THR D 231 42.21 31.59 -23.81
N GLY D 232 42.34 30.84 -22.72
CA GLY D 232 43.42 29.86 -22.58
C GLY D 232 44.70 30.51 -22.07
N GLU D 233 44.54 31.71 -21.51
CA GLU D 233 45.64 32.53 -21.03
C GLU D 233 45.17 33.59 -20.04
N PRO D 234 46.02 33.93 -19.05
CA PRO D 234 45.66 34.93 -18.03
C PRO D 234 45.35 36.28 -18.67
N PRO D 235 44.56 37.12 -17.98
CA PRO D 235 44.11 38.39 -18.54
C PRO D 235 45.28 39.31 -18.72
N PHE D 236 46.15 39.37 -17.74
CA PHE D 236 47.35 40.14 -17.92
C PHE D 236 48.50 39.15 -18.06
N THR D 237 48.94 39.00 -19.31
CA THR D 237 50.04 38.08 -19.68
C THR D 237 51.30 38.31 -18.85
N GLY D 238 51.99 37.23 -18.52
CA GLY D 238 53.14 37.30 -17.61
C GLY D 238 54.42 37.92 -18.14
N ASP D 239 55.45 37.91 -17.30
CA ASP D 239 56.81 38.36 -17.64
C ASP D 239 57.70 38.41 -16.38
N SER D 240 57.46 39.41 -15.54
CA SER D 240 57.96 39.46 -14.18
C SER D 240 56.72 39.57 -13.28
N PRO D 241 56.89 39.66 -11.94
CA PRO D 241 55.69 39.68 -11.10
C PRO D 241 55.11 41.08 -11.03
N VAL D 242 55.97 42.04 -10.68
CA VAL D 242 55.60 43.45 -10.58
C VAL D 242 54.88 43.90 -11.85
N SER D 243 55.36 43.46 -13.00
CA SER D 243 54.79 43.90 -14.29
C SER D 243 53.38 43.35 -14.45
N VAL D 244 53.21 42.09 -14.06
CA VAL D 244 51.89 41.50 -14.01
C VAL D 244 51.01 42.29 -13.02
N ALA D 245 51.58 42.66 -11.88
CA ALA D 245 50.84 43.42 -10.87
C ALA D 245 50.48 44.80 -11.37
N TYR D 246 51.44 45.46 -12.02
CA TYR D 246 51.22 46.79 -12.58
C TYR D 246 49.95 46.81 -13.42
N GLN D 247 49.85 45.86 -14.34
CA GLN D 247 48.71 45.78 -15.23
C GLN D 247 47.37 45.75 -14.52
N HIS D 248 47.21 44.88 -13.52
CA HIS D 248 45.95 44.85 -12.78
C HIS D 248 45.58 46.27 -12.37
N VAL D 249 46.44 46.87 -11.56
CA VAL D 249 46.12 48.13 -10.92
C VAL D 249 45.97 49.23 -11.96
N ARG D 250 46.98 49.36 -12.82
CA ARG D 250 47.03 50.50 -13.72
C ARG D 250 46.53 50.25 -15.14
N GLU D 251 46.75 49.08 -15.71
CA GLU D 251 46.29 48.88 -17.08
C GLU D 251 44.95 48.16 -17.20
N ASP D 252 44.34 48.37 -18.35
CA ASP D 252 42.99 47.95 -18.67
C ASP D 252 42.97 46.52 -19.21
N PRO D 253 41.95 45.73 -18.85
CA PRO D 253 41.92 44.38 -19.39
C PRO D 253 41.52 44.42 -20.85
N ILE D 254 42.13 43.56 -21.66
CA ILE D 254 41.79 43.45 -23.08
C ILE D 254 40.52 42.61 -23.22
N PRO D 255 39.49 43.14 -23.93
CA PRO D 255 38.26 42.38 -24.21
C PRO D 255 38.53 40.93 -24.73
N PRO D 256 38.03 39.90 -23.98
CA PRO D 256 38.34 38.44 -24.12
C PRO D 256 38.13 37.87 -25.53
N SER D 257 37.10 38.36 -26.22
CA SER D 257 36.77 37.88 -27.56
C SER D 257 37.76 38.39 -28.62
N ALA D 258 38.41 39.52 -28.34
CA ALA D 258 39.49 40.01 -29.19
C ALA D 258 40.82 39.39 -28.74
N ARG D 259 40.72 38.19 -28.18
CA ARG D 259 41.88 37.36 -27.84
C ARG D 259 41.62 35.93 -28.33
N HIS D 260 40.33 35.56 -28.40
CA HIS D 260 39.89 34.31 -29.03
C HIS D 260 38.48 34.50 -29.62
N GLU D 261 38.30 34.08 -30.87
CA GLU D 261 37.04 34.22 -31.60
C GLU D 261 35.86 33.49 -30.93
N GLY D 262 34.64 33.79 -31.39
CA GLY D 262 33.43 33.11 -30.93
C GLY D 262 33.07 33.29 -29.47
N LEU D 263 33.30 34.49 -28.95
CA LEU D 263 32.93 34.83 -27.57
C LEU D 263 31.96 36.02 -27.55
N SER D 264 30.86 35.86 -26.83
CA SER D 264 29.67 36.72 -26.97
C SER D 264 29.85 38.17 -26.48
N ALA D 265 29.01 39.07 -27.01
CA ALA D 265 28.93 40.49 -26.61
C ALA D 265 28.64 40.67 -25.11
N ASP D 266 27.56 40.05 -24.63
CA ASP D 266 27.13 40.09 -23.22
C ASP D 266 28.05 39.31 -22.28
N LEU D 267 28.76 38.34 -22.85
CA LEU D 267 29.72 37.53 -22.12
C LEU D 267 30.91 38.36 -21.72
N ASP D 268 31.43 39.12 -22.67
CA ASP D 268 32.48 40.07 -22.39
C ASP D 268 32.03 41.03 -21.33
N ALA D 269 30.83 41.57 -21.48
CA ALA D 269 30.22 42.41 -20.46
C ALA D 269 30.44 41.78 -19.09
N VAL D 270 30.08 40.51 -18.95
CA VAL D 270 30.28 39.80 -17.68
C VAL D 270 31.76 39.70 -17.30
N VAL D 271 32.58 39.13 -18.19
CA VAL D 271 33.99 38.91 -17.88
C VAL D 271 34.57 40.23 -17.39
N LEU D 272 34.29 41.28 -18.14
CA LEU D 272 34.86 42.59 -17.85
C LEU D 272 34.31 43.19 -16.56
N LYS D 273 33.03 42.95 -16.26
CA LYS D 273 32.45 43.47 -15.01
C LYS D 273 33.21 42.93 -13.81
N ALA D 274 33.61 41.66 -13.89
CA ALA D 274 34.38 41.04 -12.82
C ALA D 274 35.74 41.69 -12.66
N LEU D 275 36.37 42.03 -13.80
CA LEU D 275 37.72 42.52 -13.81
C LEU D 275 37.77 44.04 -13.70
N ALA D 276 36.68 44.62 -13.19
CA ALA D 276 36.59 46.07 -13.04
C ALA D 276 37.61 46.53 -12.02
N LYS D 277 38.35 47.58 -12.37
CA LYS D 277 39.41 48.05 -11.50
C LYS D 277 38.79 48.43 -10.16
N ASN D 278 37.72 49.21 -10.20
CA ASN D 278 37.06 49.59 -8.98
C ASN D 278 36.08 48.52 -8.49
N PRO D 279 36.12 48.22 -7.17
CA PRO D 279 35.28 47.18 -6.59
C PRO D 279 33.75 47.38 -6.71
N GLU D 280 33.24 48.61 -6.65
CA GLU D 280 31.78 48.79 -6.76
C GLU D 280 31.33 48.66 -8.21
N ASN D 281 32.29 48.71 -9.13
CA ASN D 281 32.00 48.47 -10.53
C ASN D 281 32.01 46.97 -10.84
N ARG D 282 32.51 46.17 -9.89
CA ARG D 282 32.43 44.72 -10.00
C ARG D 282 31.05 44.18 -9.61
N TYR D 283 30.85 42.86 -9.74
CA TYR D 283 29.69 42.19 -9.16
C TYR D 283 29.93 42.21 -7.66
N GLN D 284 28.85 42.29 -6.90
CA GLN D 284 28.95 42.37 -5.42
C GLN D 284 28.88 41.02 -4.70
N THR D 285 28.34 40.01 -5.37
CA THR D 285 28.31 38.65 -4.84
C THR D 285 28.67 37.71 -5.97
N ALA D 286 29.20 36.53 -5.65
CA ALA D 286 29.33 35.48 -6.66
C ALA D 286 27.97 35.14 -7.27
N ALA D 287 26.94 35.14 -6.42
CA ALA D 287 25.56 34.90 -6.85
C ALA D 287 25.18 35.88 -7.93
N GLU D 288 25.36 37.17 -7.64
CA GLU D 288 25.05 38.24 -8.57
C GLU D 288 25.85 38.10 -9.86
N MET D 289 27.09 37.64 -9.74
CA MET D 289 27.88 37.30 -10.89
C MET D 289 27.26 36.17 -11.69
N ARG D 290 27.18 34.99 -11.11
CA ARG D 290 26.62 33.87 -11.84
C ARG D 290 25.20 34.18 -12.31
N ALA D 291 24.51 35.05 -11.57
CA ALA D 291 23.21 35.56 -12.02
C ALA D 291 23.36 35.95 -13.47
N ASP D 292 24.26 36.89 -13.75
CA ASP D 292 24.54 37.29 -15.11
C ASP D 292 25.16 36.20 -15.99
N LEU D 293 25.95 35.30 -15.39
CA LEU D 293 26.55 34.19 -16.14
C LEU D 293 25.52 33.26 -16.74
N VAL D 294 24.52 32.91 -15.94
CA VAL D 294 23.45 32.05 -16.41
C VAL D 294 22.42 32.88 -17.18
N ARG D 295 22.35 34.18 -16.87
CA ARG D 295 21.54 35.12 -17.66
C ARG D 295 22.15 35.34 -19.06
N VAL D 296 23.34 34.76 -19.27
CA VAL D 296 24.01 34.75 -20.58
C VAL D 296 23.83 33.38 -21.29
N HIS D 297 23.62 32.33 -20.50
CA HIS D 297 23.22 31.03 -21.03
C HIS D 297 22.06 31.08 -22.02
OAC MIX E . -27.00 -21.95 22.11
CAK MIX E . -27.24 -23.37 22.18
CAM MIX E . -27.16 -23.98 20.77
NAS MIX E . -27.62 -23.02 19.73
CAO MIX E . -26.51 -22.18 19.20
CAQ MIX E . -26.32 -22.54 17.72
NAU MIX E . -25.41 -21.57 17.09
CAY MIX E . -24.12 -21.84 16.91
CAI MIX E . -23.47 -22.80 17.68
CAJ MIX E . -22.13 -23.08 17.51
CBE MIX E . -23.39 -21.16 15.95
CBA MIX E . -24.03 -20.20 15.19
OAA MIX E . -25.24 -19.98 15.39
CBC MIX E . -23.33 -19.50 14.23
CAW MIX E . -23.96 -18.53 13.46
OAE MIX E . -25.27 -18.26 13.65
CAG MIX E . -23.26 -17.84 12.49
CAH MIX E . -21.92 -18.11 12.30
CAX MIX E . -21.27 -19.07 13.07
OAF MIX E . -19.96 -19.33 12.87
CBD MIX E . -21.98 -19.76 14.03
CBB MIX E . -21.33 -20.71 14.79
OAB MIX E . -20.14 -20.90 14.57
CBF MIX E . -22.02 -21.43 15.77
CAZ MIX E . -21.39 -22.41 16.56
NAV MIX E . -20.11 -22.72 16.43
CAR MIX E . -19.71 -23.97 15.80
CAP MIX E . -18.25 -24.19 16.16
NAT MIX E . -17.70 -25.28 15.35
CAN MIX E . -17.42 -26.49 16.17
CAL MIX E . -15.90 -26.60 16.47
OAD MIX E . -15.13 -26.99 15.32
OAC MIX F . -26.55 -6.01 -19.33
CAK MIX F . -25.75 -4.89 -18.90
CAM MIX F . -25.81 -4.81 -17.35
NAS MIX F . -27.18 -5.10 -16.87
CAO MIX F . -27.43 -6.49 -16.43
CAQ MIX F . -28.10 -6.52 -15.05
NAU MIX F . -27.63 -5.41 -14.19
CAY MIX F . -28.43 -4.53 -13.50
CAI MIX F . -29.22 -3.61 -14.18
CAJ MIX F . -30.04 -2.68 -13.54
CBE MIX F . -28.46 -4.52 -12.08
CBA MIX F . -27.65 -5.45 -11.38
OAA MIX F . -26.91 -6.28 -11.93
CBC MIX F . -27.66 -5.44 -10.00
CAW MIX F . -26.85 -6.36 -9.37
OAE MIX F . -26.09 -7.21 -10.11
CAG MIX F . -26.85 -6.40 -7.99
CAH MIX F . -27.63 -5.52 -7.25
CAX MIX F . -28.45 -4.58 -7.89
OAF MIX F . -29.23 -3.73 -7.14
CBD MIX F . -28.47 -4.52 -9.30
CBB MIX F . -29.27 -3.61 -9.99
OAB MIX F . -29.96 -2.83 -9.31
CBF MIX F . -29.28 -3.58 -11.40
CAZ MIX F . -30.09 -2.67 -12.16
NAV MIX F . -30.90 -1.69 -11.66
CAR MIX F . -32.36 -1.76 -11.43
CAP MIX F . -33.14 -0.92 -12.45
NAT MIX F . -34.57 -1.12 -12.09
CAN MIX F . -35.52 -0.11 -12.65
CAL MIX F . -36.62 0.16 -11.61
OAD MIX F . -37.10 1.51 -11.72
OAC MIX G . 17.41 20.62 13.96
CAK MIX G . 16.10 20.36 14.50
CAM MIX G . 16.13 19.14 15.45
NAS MIX G . 15.01 18.23 15.16
CAO MIX G . 15.53 16.87 15.05
CAQ MIX G . 15.96 16.64 13.59
NAU MIX G . 17.26 15.92 13.51
CAY MIX G . 17.39 14.57 13.39
CAI MIX G . 16.32 13.74 13.76
CAJ MIX G . 16.39 12.35 13.67
CBE MIX G . 18.59 13.95 12.91
CBA MIX G . 19.73 14.71 12.52
OAA MIX G . 19.70 15.94 12.58
CBC MIX G . 20.90 14.07 12.04
CAW MIX G . 22.06 14.78 11.63
OAE MIX G . 22.12 16.13 11.66
CAG MIX G . 23.19 14.12 11.16
CAH MIX G . 23.19 12.74 11.10
CAX MIX G . 22.07 12.00 11.50
OAF MIX G . 22.10 10.63 11.43
CBD MIX G . 20.93 12.66 11.96
CBB MIX G . 19.82 11.92 12.35
OAB MIX G . 19.87 10.68 12.28
CBF MIX G . 18.64 12.53 12.82
CAZ MIX G . 17.56 11.74 13.19
NAV MIX G . 17.66 10.40 13.08
CAR MIX G . 16.88 9.39 13.82
CAP MIX G . 16.47 8.29 12.82
NAT MIX G . 15.78 7.23 13.55
CAN MIX G . 14.44 7.65 13.97
CAL MIX G . 14.25 7.40 15.48
OAD MIX G . 14.22 8.65 16.19
OAC MIX H . 48.24 13.56 -11.79
CAK MIX H . 48.63 14.79 -11.17
CAM MIX H . 47.65 15.06 -10.04
NAS MIX H . 46.52 15.86 -10.56
CAO MIX H . 45.45 15.95 -9.54
CAQ MIX H . 45.37 17.36 -8.93
NAU MIX H . 45.91 17.32 -7.56
CAY MIX H . 46.19 18.41 -6.82
CAI MIX H . 47.12 19.37 -7.27
CAJ MIX H . 47.42 20.51 -6.52
CBE MIX H . 45.55 18.63 -5.57
CBA MIX H . 44.61 17.68 -5.12
OAA MIX H . 44.35 16.67 -5.78
CBC MIX H . 43.96 17.87 -3.89
CAW MIX H . 43.03 16.93 -3.42
OAE MIX H . 42.72 15.80 -4.15
CAG MIX H . 42.39 17.13 -2.21
CAH MIX H . 42.67 18.27 -1.45
CAX MIX H . 43.61 19.22 -1.89
OAF MIX H . 43.86 20.31 -1.12
CBD MIX H . 44.26 19.02 -3.12
CBB MIX H . 45.19 19.98 -3.57
OAB MIX H . 45.45 20.98 -2.90
CBF MIX H . 45.85 19.78 -4.81
CAZ MIX H . 46.80 20.74 -5.29
NAV MIX H . 47.14 21.86 -4.60
CAR MIX H . 47.20 23.18 -5.28
CAP MIX H . 47.11 24.29 -4.24
NAT MIX H . 48.46 24.80 -3.94
CAN MIX H . 48.41 25.77 -2.84
CAL MIX H . 48.92 27.13 -3.32
OAD MIX H . 48.11 27.55 -4.42
#